data_2QWM
#
_entry.id   2QWM
#
_cell.length_a   73.336
_cell.length_b   77.841
_cell.length_c   75.793
_cell.angle_alpha   90.000
_cell.angle_beta   101.530
_cell.angle_gamma   90.000
#
_symmetry.space_group_name_H-M   'P 1 21 1'
#
loop_
_entity.id
_entity.type
_entity.pdbx_description
1 polymer 'Heat shock cognate 71 kDa protein'
2 non-polymer 'MAGNESIUM ION'
3 non-polymer 'SODIUM ION'
4 non-polymer 'VANADATE ION'
5 non-polymer "ADENOSINE-5'-DIPHOSPHATE"
6 non-polymer GLYCEROL
7 water water
#
_entity_poly.entity_id   1
_entity_poly.type   'polypeptide(L)'
_entity_poly.pdbx_seq_one_letter_code
;MSKGPAVGIDLGTTYSCVGVFQHGKVEIIANDQGNRTTPSYVAFTDTERLIGDAAKNQVAMNPTNTVFDAKRLIGRRFDD
AVVQSDMKHWPFMVVNDAGRPKVQVEYKGETKSFYPEEVSSMVLTKMKEIAEAYLGKTVTNAVVTVPAYFNDSQRQATKD
AGTIAGLNVLRIINEPTAAAIAYGLDKKVGAERNVLIFDLGGGTFDVSILTIEDGIFEVKSTAGDTHLGGEDFDNRMVNH
FIAEFKRKHKKDISENKRAVRRLRTACERAKRTLSSSTQASIEIDSLYEGIDFYTSITRARFEELNADLFRGTLDPVEKA
LRDAKLDKSQIHDIVLVGGSTRIPKIQKLLQDFFNGKELNKSINPDEAVAYGAAVQAAILSGDKSENVQDLLLL
;
_entity_poly.pdbx_strand_id   A,B
#
loop_
_chem_comp.id
_chem_comp.type
_chem_comp.name
_chem_comp.formula
ADP non-polymer ADENOSINE-5'-DIPHOSPHATE 'C10 H15 N5 O10 P2'
GOL non-polymer GLYCEROL 'C3 H8 O3'
MG non-polymer 'MAGNESIUM ION' 'Mg 2'
NA non-polymer 'SODIUM ION' 'Na 1'
VO4 non-polymer 'VANADATE ION' 'O4 V -3'
#
# COMPACT_ATOMS: atom_id res chain seq x y z
N GLY A 4 27.41 20.60 36.65
CA GLY A 4 27.31 19.13 36.43
C GLY A 4 27.02 18.83 34.98
N PRO A 5 27.28 17.59 34.54
CA PRO A 5 27.04 17.26 33.14
C PRO A 5 25.54 17.23 32.83
N ALA A 6 25.13 18.01 31.82
CA ALA A 6 23.75 18.06 31.36
C ALA A 6 23.54 17.05 30.23
N VAL A 7 22.45 16.29 30.30
CA VAL A 7 22.23 15.22 29.32
C VAL A 7 20.98 15.50 28.48
N GLY A 8 20.92 14.83 27.32
CA GLY A 8 19.73 14.85 26.50
C GLY A 8 19.06 13.50 26.55
N ILE A 9 17.73 13.51 26.74
CA ILE A 9 16.97 12.26 26.89
C ILE A 9 15.76 12.25 25.95
N ASP A 10 15.80 11.29 25.03
CA ASP A 10 14.69 10.91 24.19
C ASP A 10 13.87 9.93 25.04
N LEU A 11 12.71 10.38 25.51
CA LEU A 11 11.79 9.53 26.24
C LEU A 11 10.80 8.98 25.23
N GLY A 12 11.15 7.85 24.61
CA GLY A 12 10.40 7.37 23.45
C GLY A 12 9.23 6.48 23.81
N THR A 13 8.28 6.38 22.88
CA THR A 13 7.10 5.50 23.07
C THR A 13 7.53 4.05 23.37
N THR A 14 8.49 3.54 22.61
CA THR A 14 8.93 2.14 22.79
C THR A 14 10.37 2.05 23.34
N TYR A 15 11.23 2.98 22.94
CA TYR A 15 12.62 2.97 23.39
C TYR A 15 13.08 4.35 23.80
N SER A 16 13.92 4.40 24.84
CA SER A 16 14.47 5.67 25.32
C SER A 16 15.98 5.66 25.10
N CYS A 17 16.58 6.84 25.08
CA CYS A 17 17.98 7.01 24.69
C CYS A 17 18.54 8.27 25.37
N VAL A 18 19.75 8.15 25.91
CA VAL A 18 20.40 9.26 26.61
C VAL A 18 21.79 9.60 26.03
N GLY A 19 22.02 10.88 25.79
CA GLY A 19 23.30 11.37 25.24
C GLY A 19 23.88 12.47 26.12
N VAL A 20 25.19 12.65 26.01
CA VAL A 20 25.89 13.75 26.67
C VAL A 20 26.84 14.41 25.68
N PHE A 21 26.78 15.74 25.62
CA PHE A 21 27.75 16.51 24.85
C PHE A 21 28.92 16.82 25.78
N GLN A 22 30.08 16.29 25.44
CA GLN A 22 31.31 16.67 26.13
C GLN A 22 32.52 16.60 25.22
N HIS A 23 33.43 17.55 25.43
CA HIS A 23 34.66 17.67 24.66
C HIS A 23 34.38 17.66 23.15
N GLY A 24 33.37 18.44 22.75
CA GLY A 24 33.12 18.73 21.34
C GLY A 24 32.29 17.74 20.56
N LYS A 25 31.88 16.64 21.20
CA LYS A 25 31.07 15.63 20.54
C LYS A 25 30.01 15.03 21.48
N VAL A 26 28.97 14.47 20.87
CA VAL A 26 27.92 13.77 21.58
C VAL A 26 28.28 12.31 21.74
N GLU A 27 28.18 11.84 22.97
CA GLU A 27 28.35 10.43 23.27
C GLU A 27 26.99 9.91 23.68
N ILE A 28 26.49 8.94 22.92
CA ILE A 28 25.25 8.24 23.25
C ILE A 28 25.64 7.14 24.22
N ILE A 29 24.96 7.09 25.35
CA ILE A 29 25.45 6.27 26.47
C ILE A 29 24.81 4.87 26.48
N ALA A 30 25.66 3.84 26.46
CA ALA A 30 25.20 2.45 26.55
C ALA A 30 24.74 2.08 27.97
N ASN A 31 23.69 1.26 28.04
CA ASN A 31 23.17 0.76 29.32
C ASN A 31 23.98 -0.44 29.87
N ASP A 32 23.49 -1.06 30.95
CA ASP A 32 24.12 -2.22 31.60
C ASP A 32 24.49 -3.34 30.63
N GLN A 33 23.63 -3.57 29.64
CA GLN A 33 23.84 -4.65 28.68
C GLN A 33 24.56 -4.18 27.41
N GLY A 34 25.04 -2.94 27.42
CA GLY A 34 25.78 -2.38 26.28
C GLY A 34 24.86 -1.87 25.18
N ASN A 35 23.57 -1.78 25.49
CA ASN A 35 22.56 -1.33 24.55
C ASN A 35 22.42 0.19 24.58
N ARG A 36 22.50 0.83 23.41
CA ARG A 36 22.45 2.30 23.34
C ARG A 36 21.03 2.88 23.39
N THR A 37 20.02 2.01 23.29
CA THR A 37 18.62 2.37 23.60
C THR A 37 18.08 1.41 24.68
N THR A 38 17.06 1.87 25.40
CA THR A 38 16.49 1.12 26.53
C THR A 38 14.96 1.06 26.37
N PRO A 39 14.37 -0.16 26.41
CA PRO A 39 12.91 -0.22 26.22
C PRO A 39 12.17 0.60 27.29
N SER A 40 11.10 1.28 26.88
CA SER A 40 10.29 2.10 27.79
C SER A 40 9.28 1.24 28.54
N TYR A 41 9.84 0.31 29.33
CA TYR A 41 9.06 -0.71 30.03
C TYR A 41 9.33 -0.65 31.53
N VAL A 42 8.28 -0.89 32.32
CA VAL A 42 8.41 -1.02 33.77
C VAL A 42 7.59 -2.23 34.19
N ALA A 43 8.14 -3.06 35.09
CA ALA A 43 7.43 -4.24 35.56
C ALA A 43 7.44 -4.28 37.08
N PHE A 44 6.35 -4.82 37.63
CA PHE A 44 6.18 -4.92 39.07
C PHE A 44 6.00 -6.39 39.40
N THR A 45 6.82 -6.89 40.32
CA THR A 45 6.82 -8.29 40.76
C THR A 45 6.58 -8.38 42.27
N ASP A 46 6.58 -9.61 42.80
CA ASP A 46 6.43 -9.85 44.24
C ASP A 46 7.53 -9.22 45.08
N THR A 47 8.69 -8.98 44.47
CA THR A 47 9.87 -8.53 45.21
C THR A 47 10.44 -7.19 44.76
N GLU A 48 10.23 -6.84 43.50
CA GLU A 48 10.96 -5.71 42.92
C GLU A 48 10.24 -4.98 41.79
N ARG A 49 10.82 -3.84 41.42
CA ARG A 49 10.39 -3.04 40.29
C ARG A 49 11.51 -3.14 39.26
N LEU A 50 11.17 -3.59 38.06
CA LEU A 50 12.14 -3.73 36.98
C LEU A 50 11.91 -2.65 35.95
N ILE A 51 12.99 -2.14 35.36
CA ILE A 51 12.89 -1.08 34.35
C ILE A 51 13.82 -1.38 33.18
N GLY A 52 13.34 -1.14 31.96
CA GLY A 52 14.13 -1.31 30.75
C GLY A 52 14.15 -2.74 30.24
N ASP A 53 15.32 -3.20 29.82
CA ASP A 53 15.51 -4.56 29.32
C ASP A 53 14.97 -5.65 30.28
N ALA A 54 15.33 -5.54 31.56
CA ALA A 54 14.85 -6.50 32.58
C ALA A 54 13.33 -6.61 32.61
N ALA A 55 12.64 -5.47 32.48
CA ALA A 55 11.17 -5.45 32.43
C ALA A 55 10.63 -6.09 31.15
N LYS A 56 11.15 -5.70 29.99
CA LYS A 56 10.70 -6.28 28.73
C LYS A 56 10.98 -7.80 28.65
N ASN A 57 12.12 -8.22 29.20
CA ASN A 57 12.53 -9.63 29.16
C ASN A 57 11.61 -10.61 29.88
N GLN A 58 10.81 -10.11 30.83
CA GLN A 58 9.91 -10.99 31.61
C GLN A 58 8.43 -10.74 31.33
N VAL A 59 8.13 -10.06 30.22
CA VAL A 59 6.74 -9.66 29.93
C VAL A 59 5.78 -10.85 29.80
N ALA A 60 6.21 -11.91 29.10
CA ALA A 60 5.35 -13.06 28.87
C ALA A 60 4.98 -13.83 30.15
N MET A 61 5.84 -13.73 31.17
CA MET A 61 5.58 -14.43 32.43
C MET A 61 4.80 -13.58 33.44
N ASN A 62 4.68 -12.29 33.16
CA ASN A 62 4.09 -11.34 34.08
C ASN A 62 3.36 -10.21 33.33
N PRO A 63 2.45 -10.57 32.40
CA PRO A 63 1.95 -9.55 31.45
C PRO A 63 1.02 -8.49 32.03
N THR A 64 0.25 -8.82 33.05
CA THR A 64 -0.69 -7.84 33.61
C THR A 64 0.00 -6.79 34.49
N ASN A 65 1.24 -7.07 34.90
CA ASN A 65 2.00 -6.12 35.76
C ASN A 65 3.22 -5.54 35.07
N THR A 66 3.27 -5.70 33.75
CA THR A 66 4.34 -5.13 32.94
C THR A 66 3.74 -3.99 32.12
N VAL A 67 4.23 -2.79 32.39
CA VAL A 67 3.68 -1.58 31.80
C VAL A 67 4.58 -1.02 30.68
N PHE A 68 3.93 -0.59 29.61
CA PHE A 68 4.60 0.08 28.50
C PHE A 68 3.58 1.07 27.93
N ASP A 69 3.97 1.83 26.89
CA ASP A 69 3.07 2.79 26.23
C ASP A 69 2.55 3.86 27.19
N ALA A 70 3.30 4.19 28.24
CA ALA A 70 2.90 5.25 29.16
C ALA A 70 2.78 6.57 28.42
N LYS A 71 3.61 6.73 27.38
CA LYS A 71 3.60 7.95 26.57
C LYS A 71 2.26 8.17 25.85
N ARG A 72 1.52 7.10 25.60
CA ARG A 72 0.17 7.21 25.02
C ARG A 72 -0.88 7.75 26.01
N LEU A 73 -0.58 7.64 27.31
CA LEU A 73 -1.49 8.10 28.37
C LEU A 73 -1.09 9.46 28.95
N ILE A 74 0.20 9.76 28.90
CA ILE A 74 0.77 10.92 29.61
C ILE A 74 0.08 12.23 29.18
N GLY A 75 -0.32 13.05 30.17
CA GLY A 75 -0.99 14.33 29.92
C GLY A 75 -2.44 14.26 29.44
N ARG A 76 -3.01 13.05 29.41
CA ARG A 76 -4.37 12.85 28.92
C ARG A 76 -5.39 12.60 30.05
N ARG A 77 -6.67 12.68 29.71
CA ARG A 77 -7.75 12.38 30.66
C ARG A 77 -8.32 10.98 30.39
N PHE A 78 -8.84 10.34 31.43
CA PHE A 78 -9.32 8.96 31.33
C PHE A 78 -10.37 8.78 30.22
N ASP A 79 -11.29 9.73 30.12
CA ASP A 79 -12.40 9.68 29.17
C ASP A 79 -12.02 10.10 27.74
N ASP A 80 -10.74 10.41 27.52
CA ASP A 80 -10.21 10.69 26.18
C ASP A 80 -10.52 9.53 25.25
N ALA A 81 -11.00 9.82 24.05
CA ALA A 81 -11.31 8.79 23.05
C ALA A 81 -10.08 7.91 22.75
N VAL A 82 -8.91 8.55 22.68
CA VAL A 82 -7.63 7.89 22.47
C VAL A 82 -7.34 6.87 23.59
N VAL A 83 -7.51 7.31 24.84
CA VAL A 83 -7.22 6.47 26.01
C VAL A 83 -8.14 5.26 26.05
N GLN A 84 -9.43 5.51 25.86
CA GLN A 84 -10.44 4.44 25.85
C GLN A 84 -10.20 3.40 24.76
N SER A 85 -9.72 3.85 23.61
CA SER A 85 -9.43 2.97 22.48
C SER A 85 -8.16 2.14 22.72
N ASP A 86 -7.09 2.79 23.19
CA ASP A 86 -5.82 2.12 23.47
C ASP A 86 -5.93 1.05 24.57
N MET A 87 -6.76 1.32 25.58
CA MET A 87 -6.93 0.42 26.75
C MET A 87 -7.33 -0.99 26.37
N LYS A 88 -8.12 -1.11 25.30
CA LYS A 88 -8.59 -2.39 24.76
C LYS A 88 -7.46 -3.29 24.28
N HIS A 89 -6.25 -2.73 24.13
CA HIS A 89 -5.13 -3.46 23.56
C HIS A 89 -4.01 -3.76 24.57
N TRP A 90 -4.08 -3.15 25.74
CA TRP A 90 -3.06 -3.36 26.77
C TRP A 90 -3.44 -4.49 27.72
N PRO A 91 -2.47 -5.36 28.08
CA PRO A 91 -2.71 -6.42 29.06
C PRO A 91 -2.76 -5.92 30.52
N PHE A 92 -2.26 -4.72 30.77
CA PHE A 92 -2.36 -4.09 32.08
C PHE A 92 -3.65 -3.27 32.22
N MET A 93 -4.07 -3.08 33.46
CA MET A 93 -5.29 -2.35 33.79
C MET A 93 -5.06 -0.84 33.86
N VAL A 94 -5.94 -0.09 33.20
CA VAL A 94 -6.01 1.36 33.36
C VAL A 94 -7.31 1.74 34.09
N VAL A 95 -7.19 2.54 35.15
CA VAL A 95 -8.32 2.93 35.98
C VAL A 95 -8.52 4.45 35.99
N ASN A 96 -9.66 4.91 36.51
CA ASN A 96 -9.98 6.33 36.56
C ASN A 96 -9.83 6.89 37.97
N ASP A 97 -8.89 7.81 38.13
CA ASP A 97 -8.75 8.54 39.39
C ASP A 97 -9.15 10.01 39.21
N ALA A 98 -10.39 10.31 39.58
CA ALA A 98 -10.97 11.66 39.46
C ALA A 98 -10.71 12.33 38.10
N GLY A 99 -10.87 11.56 37.02
CA GLY A 99 -10.69 12.08 35.66
C GLY A 99 -9.37 11.71 35.01
N ARG A 100 -8.35 11.45 35.84
CA ARG A 100 -7.02 11.12 35.34
C ARG A 100 -6.83 9.61 35.26
N PRO A 101 -6.20 9.12 34.16
CA PRO A 101 -5.97 7.69 34.06
C PRO A 101 -4.81 7.26 34.96
N LYS A 102 -4.93 6.08 35.54
CA LYS A 102 -3.82 5.48 36.30
C LYS A 102 -3.68 4.03 35.87
N VAL A 103 -2.44 3.55 35.81
CA VAL A 103 -2.20 2.14 35.56
C VAL A 103 -2.22 1.45 36.93
N GLN A 104 -3.00 0.38 37.02
CA GLN A 104 -3.11 -0.40 38.26
C GLN A 104 -2.43 -1.75 38.08
N VAL A 105 -1.57 -2.09 39.04
CA VAL A 105 -0.80 -3.35 38.98
C VAL A 105 -0.77 -4.02 40.37
N GLU A 106 -0.34 -5.29 40.40
CA GLU A 106 0.08 -5.92 41.65
C GLU A 106 1.57 -5.68 41.83
N TYR A 107 1.96 -5.24 43.02
CA TYR A 107 3.34 -4.91 43.32
C TYR A 107 3.67 -5.28 44.76
N LYS A 108 4.62 -6.19 44.92
CA LYS A 108 5.00 -6.76 46.24
C LYS A 108 3.80 -7.28 47.03
N GLY A 109 2.87 -7.92 46.33
CA GLY A 109 1.69 -8.53 46.96
C GLY A 109 0.55 -7.58 47.25
N GLU A 110 0.69 -6.31 46.85
CA GLU A 110 -0.33 -5.29 47.07
C GLU A 110 -0.76 -4.67 45.74
N THR A 111 -2.03 -4.26 45.68
CA THR A 111 -2.55 -3.51 44.55
C THR A 111 -2.10 -2.05 44.64
N LYS A 112 -1.44 -1.57 43.58
CA LYS A 112 -0.89 -0.22 43.52
C LYS A 112 -1.28 0.43 42.20
N SER A 113 -1.49 1.74 42.20
CA SER A 113 -1.78 2.47 40.96
C SER A 113 -0.79 3.60 40.75
N PHE A 114 -0.49 3.91 39.49
CA PHE A 114 0.49 4.92 39.14
C PHE A 114 -0.01 5.80 37.99
N TYR A 115 0.19 7.12 38.12
CA TYR A 115 -0.08 8.04 37.02
C TYR A 115 0.93 7.77 35.90
N PRO A 116 0.56 8.07 34.64
CA PRO A 116 1.48 7.88 33.51
C PRO A 116 2.85 8.53 33.77
N GLU A 117 2.85 9.71 34.41
CA GLU A 117 4.10 10.44 34.64
C GLU A 117 4.98 9.78 35.72
N GLU A 118 4.34 9.02 36.60
CA GLU A 118 5.05 8.21 37.58
C GLU A 118 5.79 7.04 36.87
N VAL A 119 5.09 6.38 35.96
CA VAL A 119 5.67 5.28 35.18
C VAL A 119 6.82 5.84 34.33
N SER A 120 6.57 6.96 33.67
CA SER A 120 7.60 7.60 32.86
C SER A 120 8.79 8.09 33.71
N SER A 121 8.54 8.49 34.96
CA SER A 121 9.61 8.90 35.88
C SER A 121 10.56 7.74 36.16
N MET A 122 10.01 6.52 36.19
CA MET A 122 10.79 5.34 36.44
C MET A 122 11.72 5.06 35.26
N VAL A 123 11.20 5.24 34.04
CA VAL A 123 12.02 5.14 32.84
C VAL A 123 13.13 6.21 32.84
N LEU A 124 12.76 7.44 33.21
CA LEU A 124 13.76 8.53 33.32
C LEU A 124 14.80 8.29 34.41
N THR A 125 14.37 7.72 35.54
CA THR A 125 15.30 7.28 36.60
C THR A 125 16.36 6.33 36.04
N LYS A 126 15.92 5.37 35.24
CA LYS A 126 16.84 4.39 34.65
C LYS A 126 17.81 5.08 33.68
N MET A 127 17.30 5.98 32.85
CA MET A 127 18.13 6.73 31.89
C MET A 127 19.15 7.61 32.65
N LYS A 128 18.68 8.24 33.72
CA LYS A 128 19.55 9.01 34.65
C LYS A 128 20.67 8.14 35.24
N GLU A 129 20.31 6.97 35.75
CA GLU A 129 21.30 6.04 36.31
C GLU A 129 22.27 5.51 35.26
N ILE A 130 21.78 5.31 34.03
CA ILE A 130 22.62 4.90 32.92
C ILE A 130 23.73 5.95 32.65
N ALA A 131 23.34 7.22 32.58
CA ALA A 131 24.29 8.30 32.39
C ALA A 131 25.28 8.41 33.57
N GLU A 132 24.78 8.24 34.79
CA GLU A 132 25.63 8.32 35.98
C GLU A 132 26.66 7.19 36.06
N ALA A 133 26.26 6.01 35.59
CA ALA A 133 27.12 4.84 35.54
C ALA A 133 28.30 5.10 34.64
N TYR A 134 28.04 5.78 33.52
CA TYR A 134 29.06 6.06 32.53
C TYR A 134 29.96 7.24 32.96
N LEU A 135 29.32 8.32 33.40
CA LEU A 135 30.01 9.57 33.73
C LEU A 135 30.77 9.57 35.07
N GLY A 136 30.34 8.72 36.00
CA GLY A 136 30.94 8.67 37.35
C GLY A 136 30.60 9.90 38.19
N LYS A 137 29.52 10.58 37.79
CA LYS A 137 29.09 11.84 38.38
C LYS A 137 27.58 11.88 38.51
N THR A 138 27.09 12.64 39.47
CA THR A 138 25.65 12.90 39.59
C THR A 138 25.13 13.66 38.35
N VAL A 139 24.02 13.18 37.80
CA VAL A 139 23.37 13.80 36.66
C VAL A 139 22.04 14.39 37.12
N THR A 140 21.89 15.69 36.94
CA THR A 140 20.69 16.40 37.40
C THR A 140 20.00 17.13 36.24
N ASN A 141 20.77 17.89 35.48
CA ASN A 141 20.20 18.70 34.40
C ASN A 141 19.97 17.87 33.12
N ALA A 142 18.79 18.06 32.52
CA ALA A 142 18.43 17.33 31.28
C ALA A 142 17.50 18.12 30.37
N VAL A 143 17.67 17.93 29.06
CA VAL A 143 16.66 18.31 28.09
C VAL A 143 15.92 17.03 27.72
N VAL A 144 14.58 17.07 27.84
CA VAL A 144 13.77 15.90 27.49
C VAL A 144 12.87 16.22 26.29
N THR A 145 12.74 15.28 25.38
CA THR A 145 12.04 15.52 24.11
C THR A 145 10.60 14.96 24.12
N VAL A 146 9.76 15.55 23.26
CA VAL A 146 8.36 15.13 23.04
C VAL A 146 7.99 15.33 21.57
N PRO A 147 6.95 14.60 21.10
CA PRO A 147 6.45 14.83 19.74
C PRO A 147 5.98 16.28 19.57
N ALA A 148 6.16 16.84 18.38
CA ALA A 148 5.75 18.21 18.08
C ALA A 148 4.28 18.45 18.36
N TYR A 149 3.47 17.40 18.18
CA TYR A 149 2.02 17.49 18.36
C TYR A 149 1.57 17.48 19.82
N PHE A 150 2.49 17.24 20.77
CA PHE A 150 2.15 17.30 22.21
C PHE A 150 1.65 18.68 22.61
N ASN A 151 0.50 18.69 23.31
CA ASN A 151 -0.07 19.91 23.87
C ASN A 151 0.57 20.22 25.23
N ASP A 152 0.13 21.29 25.88
CA ASP A 152 0.78 21.72 27.12
C ASP A 152 0.57 20.75 28.28
N SER A 153 -0.58 20.07 28.32
CA SER A 153 -0.84 19.06 29.36
C SER A 153 0.18 17.92 29.24
N GLN A 154 0.41 17.46 28.02
CA GLN A 154 1.36 16.38 27.73
C GLN A 154 2.82 16.79 27.99
N ARG A 155 3.16 18.02 27.58
CA ARG A 155 4.48 18.63 27.86
C ARG A 155 4.71 18.78 29.37
N GLN A 156 3.71 19.34 30.07
CA GLN A 156 3.78 19.50 31.52
C GLN A 156 3.98 18.15 32.24
N ALA A 157 3.20 17.14 31.84
CA ALA A 157 3.28 15.81 32.50
C ALA A 157 4.63 15.17 32.27
N THR A 158 5.20 15.40 31.09
CA THR A 158 6.51 14.86 30.74
C THR A 158 7.58 15.56 31.60
N LYS A 159 7.50 16.89 31.71
CA LYS A 159 8.35 17.64 32.64
C LYS A 159 8.23 17.07 34.06
N ASP A 160 6.98 16.84 34.50
CA ASP A 160 6.69 16.30 35.82
C ASP A 160 7.34 14.95 36.03
N ALA A 161 7.33 14.11 34.99
CA ALA A 161 8.03 12.82 35.03
C ALA A 161 9.51 13.02 35.36
N GLY A 162 10.14 14.00 34.70
CA GLY A 162 11.54 14.36 35.00
C GLY A 162 11.76 14.79 36.43
N THR A 163 10.93 15.71 36.91
CA THR A 163 11.00 16.20 38.29
C THR A 163 10.89 15.06 39.32
N ILE A 164 9.91 14.18 39.10
CA ILE A 164 9.71 13.02 39.98
C ILE A 164 10.98 12.15 40.00
N ALA A 165 11.63 12.01 38.86
CA ALA A 165 12.91 11.29 38.75
C ALA A 165 14.13 12.04 39.32
N GLY A 166 13.91 13.24 39.86
CA GLY A 166 15.00 14.06 40.39
C GLY A 166 15.80 14.81 39.33
N LEU A 167 15.29 14.82 38.09
CA LEU A 167 15.91 15.60 37.01
C LEU A 167 15.41 17.03 37.04
N ASN A 168 16.33 17.97 36.87
CA ASN A 168 16.00 19.37 36.57
C ASN A 168 15.84 19.52 35.06
N VAL A 169 14.60 19.63 34.60
CA VAL A 169 14.31 19.66 33.17
C VAL A 169 14.53 21.09 32.70
N LEU A 170 15.64 21.30 31.98
CA LEU A 170 16.05 22.62 31.48
C LEU A 170 15.00 23.13 30.50
N ARG A 171 14.52 22.21 29.66
CA ARG A 171 13.55 22.50 28.61
C ARG A 171 13.01 21.21 28.03
N ILE A 172 11.74 21.27 27.62
CA ILE A 172 11.09 20.22 26.85
C ILE A 172 11.14 20.69 25.40
N ILE A 173 11.80 19.92 24.53
CA ILE A 173 11.87 20.32 23.12
C ILE A 173 11.25 19.28 22.20
N ASN A 174 10.81 19.71 21.03
CA ASN A 174 10.22 18.79 20.08
C ASN A 174 11.25 17.85 19.47
N GLU A 175 10.85 16.61 19.33
CA GLU A 175 11.64 15.57 18.65
C GLU A 175 12.17 16.01 17.26
N PRO A 176 11.29 16.48 16.35
CA PRO A 176 11.87 16.95 15.06
C PRO A 176 12.89 18.08 15.21
N THR A 177 12.69 18.98 16.18
CA THR A 177 13.65 20.06 16.44
C THR A 177 15.00 19.48 16.91
N ALA A 178 14.95 18.52 17.83
CA ALA A 178 16.15 17.79 18.27
C ALA A 178 16.90 17.19 17.08
N ALA A 179 16.17 16.52 16.18
CA ALA A 179 16.79 15.91 14.99
C ALA A 179 17.48 16.95 14.08
N ALA A 180 16.83 18.07 13.84
CA ALA A 180 17.42 19.12 13.00
C ALA A 180 18.63 19.73 13.68
N ILE A 181 18.57 19.90 15.01
CA ILE A 181 19.72 20.41 15.78
C ILE A 181 20.91 19.44 15.67
N ALA A 182 20.62 18.15 15.77
CA ALA A 182 21.64 17.10 15.62
C ALA A 182 22.49 17.29 14.37
N TYR A 183 21.84 17.70 13.28
CA TYR A 183 22.50 17.87 11.99
C TYR A 183 22.92 19.32 11.71
N GLY A 184 22.75 20.18 12.71
CA GLY A 184 23.17 21.58 12.62
C GLY A 184 22.44 22.33 11.52
N LEU A 185 21.18 21.98 11.30
CA LEU A 185 20.41 22.53 10.19
C LEU A 185 19.93 23.95 10.48
N ASP A 186 20.07 24.38 11.74
CA ASP A 186 19.82 25.78 12.14
C ASP A 186 21.06 26.67 12.04
N LYS A 187 22.19 26.07 11.67
CA LYS A 187 23.49 26.76 11.68
C LYS A 187 24.17 26.92 10.31
N LYS A 188 23.41 26.75 9.23
CA LYS A 188 23.96 26.87 7.87
C LYS A 188 23.94 28.33 7.40
N VAL A 189 24.98 28.72 6.65
CA VAL A 189 25.08 30.08 6.12
C VAL A 189 24.05 30.26 5.00
N GLY A 190 23.06 31.11 5.26
CA GLY A 190 21.95 31.31 4.34
C GLY A 190 20.70 31.82 5.04
N ALA A 191 19.59 31.87 4.31
CA ALA A 191 18.31 32.29 4.86
C ALA A 191 17.58 31.08 5.45
N GLU A 192 16.31 30.92 5.11
CA GLU A 192 15.49 29.83 5.64
C GLU A 192 15.91 28.48 5.03
N ARG A 193 15.69 27.42 5.81
CA ARG A 193 15.85 26.05 5.32
C ARG A 193 14.57 25.27 5.63
N ASN A 194 14.03 24.62 4.59
CA ASN A 194 12.89 23.72 4.73
C ASN A 194 13.40 22.31 4.98
N VAL A 195 13.01 21.74 6.11
CA VAL A 195 13.51 20.43 6.56
C VAL A 195 12.35 19.46 6.72
N LEU A 196 12.46 18.28 6.11
CA LEU A 196 11.48 17.23 6.33
C LEU A 196 12.08 16.20 7.28
N ILE A 197 11.39 15.96 8.39
CA ILE A 197 11.80 14.92 9.35
C ILE A 197 10.88 13.73 9.12
N PHE A 198 11.49 12.60 8.78
CA PHE A 198 10.78 11.35 8.53
C PHE A 198 11.14 10.40 9.67
N ASP A 199 10.19 10.21 10.57
CA ASP A 199 10.44 9.54 11.84
C ASP A 199 9.54 8.31 11.97
N LEU A 200 10.11 7.14 11.69
CA LEU A 200 9.39 5.87 11.82
C LEU A 200 10.00 5.08 12.98
N GLY A 201 9.27 5.00 14.08
CA GLY A 201 9.77 4.37 15.30
C GLY A 201 9.27 2.95 15.53
N GLY A 202 9.14 2.58 16.80
CA GLY A 202 8.63 1.26 17.18
C GLY A 202 7.12 1.19 17.23
N GLY A 203 6.48 2.32 17.52
CA GLY A 203 5.01 2.37 17.62
C GLY A 203 4.33 3.49 16.84
N THR A 204 5.11 4.51 16.49
CA THR A 204 4.57 5.70 15.81
C THR A 204 5.34 6.12 14.57
N PHE A 205 4.61 6.75 13.65
CA PHE A 205 5.19 7.33 12.45
C PHE A 205 4.85 8.83 12.40
N ASP A 206 5.89 9.66 12.44
CA ASP A 206 5.75 11.12 12.43
C ASP A 206 6.49 11.75 11.27
N VAL A 207 5.76 12.51 10.46
CA VAL A 207 6.38 13.36 9.44
C VAL A 207 6.20 14.81 9.88
N SER A 208 7.31 15.55 9.91
CA SER A 208 7.28 16.94 10.32
C SER A 208 8.02 17.79 9.30
N ILE A 209 7.40 18.89 8.88
CA ILE A 209 8.09 19.89 8.06
C ILE A 209 8.39 21.16 8.85
N LEU A 210 9.68 21.45 8.97
CA LEU A 210 10.16 22.65 9.66
C LEU A 210 10.74 23.65 8.67
N THR A 211 10.45 24.93 8.92
CA THR A 211 11.15 26.01 8.26
C THR A 211 12.02 26.76 9.29
N ILE A 212 13.33 26.60 9.15
CA ILE A 212 14.27 27.12 10.12
C ILE A 212 14.91 28.41 9.60
N GLU A 213 14.75 29.48 10.37
CA GLU A 213 15.40 30.76 10.07
C GLU A 213 15.56 31.57 11.34
N ASP A 214 16.73 32.20 11.49
CA ASP A 214 17.04 33.05 12.65
C ASP A 214 16.78 32.33 13.98
N GLY A 215 17.15 31.05 14.05
CA GLY A 215 16.96 30.25 15.27
C GLY A 215 15.51 29.88 15.58
N ILE A 216 14.62 30.17 14.64
CA ILE A 216 13.20 29.84 14.77
C ILE A 216 12.89 28.57 13.98
N PHE A 217 12.37 27.57 14.69
CA PHE A 217 12.00 26.28 14.09
C PHE A 217 10.49 26.25 13.87
N GLU A 218 10.03 26.91 12.82
CA GLU A 218 8.60 26.99 12.53
C GLU A 218 8.10 25.65 12.04
N VAL A 219 7.13 25.06 12.76
CA VAL A 219 6.48 23.84 12.29
C VAL A 219 5.42 24.22 11.25
N LYS A 220 5.68 23.89 9.99
CA LYS A 220 4.78 24.21 8.89
C LYS A 220 3.62 23.23 8.81
N SER A 221 3.92 21.95 9.08
CA SER A 221 2.93 20.88 9.08
C SER A 221 3.46 19.64 9.78
N THR A 222 2.53 18.81 10.25
CA THR A 222 2.85 17.47 10.76
C THR A 222 1.84 16.47 10.19
N ALA A 223 2.26 15.21 10.02
CA ALA A 223 1.40 14.13 9.56
C ALA A 223 1.95 12.81 10.07
N GLY A 224 1.21 11.74 9.85
CA GLY A 224 1.73 10.39 10.13
C GLY A 224 0.64 9.50 10.66
N ASP A 225 1.04 8.56 11.49
CA ASP A 225 0.16 7.54 12.03
C ASP A 225 0.68 7.19 13.41
N THR A 226 -0.12 7.45 14.44
CA THR A 226 0.30 7.21 15.82
C THR A 226 0.29 5.72 16.19
N HIS A 227 -0.15 4.88 15.25
CA HIS A 227 -0.24 3.44 15.45
C HIS A 227 0.36 2.68 14.27
N LEU A 228 1.49 3.18 13.79
CA LEU A 228 2.29 2.49 12.78
C LEU A 228 3.76 2.59 13.18
N GLY A 229 4.42 1.44 13.32
CA GLY A 229 5.84 1.42 13.65
C GLY A 229 6.44 0.05 13.47
N GLY A 230 7.68 -0.11 13.92
CA GLY A 230 8.39 -1.38 13.80
C GLY A 230 7.60 -2.55 14.38
N GLU A 231 6.75 -2.27 15.37
CA GLU A 231 5.89 -3.30 15.97
C GLU A 231 5.05 -4.03 14.92
N ASP A 232 4.52 -3.27 13.98
CA ASP A 232 3.67 -3.82 12.92
C ASP A 232 4.44 -4.75 11.98
N PHE A 233 5.69 -4.37 11.69
CA PHE A 233 6.56 -5.20 10.88
C PHE A 233 6.87 -6.50 11.59
N ASP A 234 7.13 -6.42 12.90
CA ASP A 234 7.37 -7.61 13.72
C ASP A 234 6.11 -8.48 13.71
N ASN A 235 4.94 -7.87 13.81
CA ASN A 235 3.67 -8.62 13.81
C ASN A 235 3.53 -9.46 12.54
N ARG A 236 3.83 -8.85 11.39
CA ARG A 236 3.71 -9.53 10.09
C ARG A 236 4.65 -10.75 10.03
N MET A 237 5.84 -10.59 10.59
CA MET A 237 6.83 -11.67 10.67
C MET A 237 6.36 -12.79 11.58
N VAL A 238 5.85 -12.41 12.74
CA VAL A 238 5.37 -13.36 13.75
C VAL A 238 4.25 -14.21 13.14
N ASN A 239 3.31 -13.55 12.45
CA ASN A 239 2.19 -14.23 11.80
C ASN A 239 2.67 -15.21 10.71
N HIS A 240 3.68 -14.76 9.97
CA HIS A 240 4.33 -15.54 8.93
C HIS A 240 4.90 -16.85 9.49
N PHE A 241 5.60 -16.77 10.61
CA PHE A 241 6.19 -17.94 11.22
C PHE A 241 5.23 -18.84 12.00
N ILE A 242 4.18 -18.24 12.58
CA ILE A 242 3.14 -19.03 13.25
C ILE A 242 2.49 -19.95 12.22
N ALA A 243 2.20 -19.38 11.04
CA ALA A 243 1.62 -20.13 9.94
C ALA A 243 2.57 -21.22 9.48
N GLU A 244 3.86 -20.91 9.38
CA GLU A 244 4.87 -21.89 9.01
C GLU A 244 4.94 -23.07 9.98
N PHE A 245 4.99 -22.77 11.27
CA PHE A 245 5.04 -23.79 12.32
C PHE A 245 3.78 -24.66 12.30
N LYS A 246 2.64 -24.03 12.02
CA LYS A 246 1.36 -24.76 11.90
C LYS A 246 1.45 -25.80 10.78
N ARG A 247 1.93 -25.37 9.61
CA ARG A 247 2.06 -26.26 8.45
C ARG A 247 3.09 -27.37 8.67
N LYS A 248 4.21 -27.02 9.29
CA LYS A 248 5.31 -27.97 9.52
C LYS A 248 4.97 -29.00 10.61
N HIS A 249 4.40 -28.54 11.70
CA HIS A 249 4.23 -29.37 12.90
C HIS A 249 2.79 -29.65 13.33
N LYS A 250 1.81 -29.09 12.61
CA LYS A 250 0.39 -29.24 12.98
C LYS A 250 0.12 -28.77 14.42
N LYS A 251 0.76 -27.66 14.79
CA LYS A 251 0.53 -27.05 16.08
C LYS A 251 0.36 -25.55 15.91
N ASP A 252 -0.61 -25.01 16.63
CA ASP A 252 -0.88 -23.58 16.63
C ASP A 252 -0.35 -23.03 17.95
N ILE A 253 0.77 -22.33 17.90
CA ILE A 253 1.42 -21.86 19.13
C ILE A 253 0.82 -20.55 19.68
N SER A 254 -0.19 -20.02 18.97
CA SER A 254 -0.78 -18.70 19.24
C SER A 254 -1.11 -18.34 20.69
N GLU A 255 -1.66 -19.29 21.44
CA GLU A 255 -2.13 -19.02 22.80
C GLU A 255 -1.08 -19.36 23.85
N ASN A 256 0.09 -19.78 23.39
CA ASN A 256 1.23 -19.95 24.28
C ASN A 256 2.01 -18.65 24.25
N LYS A 257 1.74 -17.80 25.25
CA LYS A 257 2.32 -16.45 25.33
C LYS A 257 3.85 -16.47 25.32
N ARG A 258 4.47 -17.36 26.10
CA ARG A 258 5.92 -17.45 26.14
C ARG A 258 6.52 -17.84 24.78
N ALA A 259 5.92 -18.82 24.13
CA ALA A 259 6.36 -19.26 22.80
C ALA A 259 6.27 -18.13 21.78
N VAL A 260 5.11 -17.46 21.74
CA VAL A 260 4.92 -16.32 20.84
C VAL A 260 5.95 -15.19 21.13
N ARG A 261 6.19 -14.94 22.41
CA ARG A 261 7.15 -13.91 22.83
C ARG A 261 8.57 -14.25 22.36
N ARG A 262 8.99 -15.50 22.55
CA ARG A 262 10.32 -15.89 22.08
C ARG A 262 10.42 -15.81 20.55
N LEU A 263 9.34 -16.17 19.84
CA LEU A 263 9.31 -15.99 18.39
C LEU A 263 9.40 -14.50 17.99
N ARG A 264 8.63 -13.66 18.67
CA ARG A 264 8.65 -12.21 18.46
C ARG A 264 10.04 -11.60 18.64
N THR A 265 10.69 -12.01 19.72
CA THR A 265 12.07 -11.60 20.01
C THR A 265 12.98 -11.96 18.86
N ALA A 266 12.90 -13.21 18.40
CA ALA A 266 13.68 -13.68 17.25
C ALA A 266 13.38 -12.88 16.00
N CYS A 267 12.09 -12.54 15.80
CA CYS A 267 11.67 -11.75 14.64
C CYS A 267 12.21 -10.33 14.64
N GLU A 268 12.08 -9.65 15.77
CA GLU A 268 12.63 -8.29 15.88
C GLU A 268 14.14 -8.29 15.60
N ARG A 269 14.86 -9.27 16.16
CA ARG A 269 16.31 -9.41 15.92
C ARG A 269 16.63 -9.63 14.45
N ALA A 270 15.94 -10.58 13.82
CA ALA A 270 16.10 -10.84 12.39
C ALA A 270 15.83 -9.60 11.53
N LYS A 271 14.76 -8.87 11.84
CA LYS A 271 14.47 -7.60 11.17
C LYS A 271 15.66 -6.63 11.19
N ARG A 272 16.23 -6.41 12.38
CA ARG A 272 17.39 -5.51 12.52
C ARG A 272 18.55 -5.98 11.65
N THR A 273 18.80 -7.30 11.68
CA THR A 273 19.88 -7.95 10.91
C THR A 273 19.68 -7.72 9.41
N LEU A 274 18.42 -7.80 8.97
CA LEU A 274 18.06 -7.60 7.56
C LEU A 274 18.26 -6.16 7.07
N SER A 275 18.53 -5.22 7.98
CA SER A 275 18.86 -3.85 7.56
C SER A 275 20.30 -3.77 7.06
N SER A 276 21.13 -4.74 7.47
CA SER A 276 22.53 -4.77 7.04
C SER A 276 22.95 -6.04 6.26
N SER A 277 22.07 -7.04 6.21
CA SER A 277 22.34 -8.27 5.46
C SER A 277 21.12 -8.66 4.63
N THR A 278 21.32 -9.45 3.57
CA THR A 278 20.21 -9.84 2.69
C THR A 278 19.47 -11.09 3.20
N GLN A 279 19.95 -11.66 4.30
CA GLN A 279 19.22 -12.76 4.95
C GLN A 279 19.53 -12.80 6.45
N ALA A 280 18.66 -13.48 7.20
CA ALA A 280 18.82 -13.58 8.65
C ALA A 280 18.34 -14.94 9.12
N SER A 281 19.01 -15.48 10.13
CA SER A 281 18.63 -16.78 10.71
C SER A 281 17.68 -16.59 11.89
N ILE A 282 16.73 -17.52 12.00
CA ILE A 282 15.86 -17.60 13.18
C ILE A 282 16.33 -18.86 13.93
N GLU A 283 16.76 -18.70 15.18
CA GLU A 283 17.28 -19.83 15.95
C GLU A 283 16.67 -19.87 17.35
N ILE A 284 15.72 -20.80 17.55
CA ILE A 284 15.03 -20.91 18.84
C ILE A 284 15.01 -22.38 19.29
N ASP A 285 15.70 -22.68 20.39
CA ASP A 285 15.63 -24.01 20.97
C ASP A 285 14.29 -24.20 21.66
N SER A 286 13.69 -25.36 21.45
CA SER A 286 12.46 -25.75 22.15
C SER A 286 11.44 -24.62 22.13
N LEU A 287 11.10 -24.14 20.93
CA LEU A 287 10.05 -23.11 20.80
C LEU A 287 8.75 -23.54 21.47
N TYR A 288 8.39 -24.80 21.29
CA TYR A 288 7.07 -25.29 21.63
C TYR A 288 7.14 -26.78 21.76
N GLU A 289 6.83 -27.29 22.95
CA GLU A 289 6.88 -28.74 23.24
C GLU A 289 8.24 -29.37 22.95
N GLY A 290 9.31 -28.63 23.19
CA GLY A 290 10.65 -29.14 22.91
C GLY A 290 11.01 -29.21 21.44
N ILE A 291 10.15 -28.67 20.58
CA ILE A 291 10.42 -28.59 19.14
C ILE A 291 11.26 -27.33 18.86
N ASP A 292 12.44 -27.54 18.31
CA ASP A 292 13.31 -26.44 17.87
C ASP A 292 12.73 -25.76 16.63
N PHE A 293 12.97 -24.46 16.53
CA PHE A 293 12.58 -23.72 15.33
C PHE A 293 13.80 -23.01 14.80
N TYR A 294 14.45 -23.66 13.84
CA TYR A 294 15.61 -23.11 13.17
C TYR A 294 15.30 -22.92 11.70
N THR A 295 15.34 -21.67 11.26
CA THR A 295 15.00 -21.36 9.87
C THR A 295 15.67 -20.04 9.47
N SER A 296 15.19 -19.42 8.40
CA SER A 296 15.77 -18.16 7.93
C SER A 296 14.70 -17.36 7.25
N ILE A 297 15.03 -16.10 6.94
CA ILE A 297 14.16 -15.26 6.15
C ILE A 297 15.05 -14.32 5.35
N THR A 298 14.71 -14.14 4.08
CA THR A 298 15.43 -13.25 3.18
C THR A 298 14.92 -11.83 3.33
N ARG A 299 15.76 -10.86 2.98
CA ARG A 299 15.33 -9.47 2.97
C ARG A 299 14.12 -9.29 2.06
N ALA A 300 14.15 -9.92 0.88
CA ALA A 300 13.03 -9.85 -0.07
C ALA A 300 11.69 -10.28 0.57
N ARG A 301 11.72 -11.37 1.34
CA ARG A 301 10.50 -11.89 1.97
C ARG A 301 9.99 -10.95 3.08
N PHE A 302 10.91 -10.38 3.83
CA PHE A 302 10.57 -9.39 4.86
C PHE A 302 9.90 -8.17 4.24
N GLU A 303 10.50 -7.68 3.15
CA GLU A 303 9.97 -6.58 2.35
C GLU A 303 8.57 -6.89 1.79
N GLU A 304 8.43 -8.08 1.19
CA GLU A 304 7.14 -8.56 0.67
C GLU A 304 6.05 -8.62 1.74
N LEU A 305 6.39 -9.15 2.91
CA LEU A 305 5.47 -9.25 4.03
C LEU A 305 4.91 -7.88 4.43
N ASN A 306 5.71 -6.83 4.19
CA ASN A 306 5.40 -5.51 4.69
C ASN A 306 5.22 -4.46 3.60
N ALA A 307 5.05 -4.90 2.35
CA ALA A 307 5.14 -3.99 1.20
C ALA A 307 4.13 -2.83 1.26
N ASP A 308 2.87 -3.16 1.58
CA ASP A 308 1.81 -2.17 1.72
C ASP A 308 2.13 -1.13 2.82
N LEU A 309 2.67 -1.61 3.94
CA LEU A 309 2.96 -0.72 5.06
C LEU A 309 4.11 0.20 4.72
N PHE A 310 5.15 -0.34 4.06
CA PHE A 310 6.31 0.47 3.66
C PHE A 310 5.92 1.58 2.67
N ARG A 311 5.21 1.21 1.60
CA ARG A 311 4.76 2.18 0.57
C ARG A 311 3.85 3.25 1.17
N GLY A 312 3.01 2.84 2.11
CA GLY A 312 2.03 3.70 2.74
C GLY A 312 2.62 4.89 3.46
N THR A 313 3.87 4.76 3.91
CA THR A 313 4.57 5.85 4.62
C THR A 313 4.70 7.11 3.78
N LEU A 314 4.63 6.96 2.46
CA LEU A 314 4.73 8.11 1.55
C LEU A 314 3.47 8.98 1.49
N ASP A 315 2.32 8.41 1.83
CA ASP A 315 1.07 9.18 1.87
C ASP A 315 1.13 10.35 2.88
N PRO A 316 1.54 10.09 4.16
CA PRO A 316 1.75 11.22 5.09
C PRO A 316 2.83 12.23 4.67
N VAL A 317 3.82 11.79 3.91
CA VAL A 317 4.81 12.71 3.36
C VAL A 317 4.13 13.69 2.38
N GLU A 318 3.27 13.16 1.50
CA GLU A 318 2.49 13.99 0.57
C GLU A 318 1.55 14.94 1.32
N LYS A 319 0.88 14.42 2.34
CA LYS A 319 -0.04 15.22 3.14
C LYS A 319 0.69 16.39 3.81
N ALA A 320 1.84 16.10 4.41
CA ALA A 320 2.68 17.13 5.05
C ALA A 320 3.11 18.20 4.05
N LEU A 321 3.56 17.79 2.86
CA LEU A 321 4.00 18.73 1.83
C LEU A 321 2.89 19.68 1.38
N ARG A 322 1.69 19.14 1.16
CA ARG A 322 0.58 19.97 0.71
C ARG A 322 0.09 20.92 1.81
N ASP A 323 0.16 20.46 3.06
CA ASP A 323 -0.25 21.30 4.20
C ASP A 323 0.77 22.40 4.50
N ALA A 324 2.05 22.14 4.18
CA ALA A 324 3.11 23.15 4.29
C ALA A 324 3.22 24.06 3.06
N LYS A 325 2.44 23.76 2.02
CA LYS A 325 2.44 24.50 0.74
C LYS A 325 3.83 24.54 0.11
N LEU A 326 4.49 23.38 0.08
CA LEU A 326 5.82 23.24 -0.50
C LEU A 326 5.85 22.10 -1.51
N ASP A 327 6.56 22.29 -2.62
CA ASP A 327 6.84 21.20 -3.55
C ASP A 327 8.02 20.38 -3.00
N LYS A 328 8.12 19.11 -3.43
CA LYS A 328 9.24 18.25 -3.07
C LYS A 328 10.60 18.92 -3.25
N SER A 329 10.74 19.65 -4.36
CA SER A 329 11.98 20.33 -4.71
C SER A 329 12.31 21.51 -3.78
N GLN A 330 11.36 21.88 -2.93
CA GLN A 330 11.55 23.00 -2.01
C GLN A 330 12.09 22.56 -0.65
N ILE A 331 12.19 21.24 -0.44
CA ILE A 331 12.79 20.69 0.79
C ILE A 331 14.32 20.75 0.69
N HIS A 332 14.95 21.50 1.60
CA HIS A 332 16.41 21.62 1.65
C HIS A 332 17.08 20.34 2.18
N ASP A 333 16.54 19.81 3.28
CA ASP A 333 17.15 18.68 3.99
C ASP A 333 16.08 17.65 4.36
N ILE A 334 16.39 16.38 4.13
CA ILE A 334 15.54 15.28 4.59
C ILE A 334 16.29 14.52 5.70
N VAL A 335 15.64 14.30 6.84
CA VAL A 335 16.30 13.70 7.99
C VAL A 335 15.61 12.39 8.39
N LEU A 336 16.39 11.32 8.52
CA LEU A 336 15.87 10.05 9.00
C LEU A 336 15.96 9.95 10.51
N VAL A 337 14.82 9.68 11.15
CA VAL A 337 14.76 9.51 12.61
C VAL A 337 13.97 8.23 12.93
N GLY A 338 14.30 7.57 14.04
CA GLY A 338 13.57 6.37 14.45
C GLY A 338 14.23 5.13 13.90
N GLY A 339 14.28 4.08 14.73
CA GLY A 339 14.98 2.83 14.39
C GLY A 339 14.53 2.17 13.09
N SER A 340 13.24 2.33 12.76
CA SER A 340 12.67 1.69 11.57
C SER A 340 13.16 2.30 10.25
N THR A 341 13.68 3.53 10.29
CA THR A 341 14.25 4.16 9.10
C THR A 341 15.61 3.60 8.69
N ARG A 342 16.11 2.65 9.48
CA ARG A 342 17.26 1.87 9.09
C ARG A 342 16.97 0.85 7.99
N ILE A 343 15.68 0.55 7.79
CA ILE A 343 15.27 -0.44 6.78
C ILE A 343 15.62 0.08 5.38
N PRO A 344 16.49 -0.63 4.63
CA PRO A 344 16.88 -0.18 3.29
C PRO A 344 15.69 0.13 2.35
N LYS A 345 14.65 -0.70 2.37
CA LYS A 345 13.48 -0.46 1.51
C LYS A 345 12.82 0.90 1.79
N ILE A 346 12.67 1.24 3.07
CA ILE A 346 12.08 2.51 3.48
C ILE A 346 12.94 3.68 2.98
N GLN A 347 14.26 3.56 3.14
CA GLN A 347 15.20 4.60 2.66
C GLN A 347 15.11 4.78 1.14
N LYS A 348 15.04 3.67 0.41
CA LYS A 348 14.92 3.70 -1.05
C LYS A 348 13.59 4.34 -1.46
N LEU A 349 12.51 3.96 -0.79
CA LEU A 349 11.19 4.52 -1.07
C LEU A 349 11.19 6.04 -0.94
N LEU A 350 11.81 6.53 0.14
CA LEU A 350 11.85 7.97 0.43
C LEU A 350 12.78 8.73 -0.50
N GLN A 351 13.97 8.18 -0.74
CA GLN A 351 14.90 8.80 -1.65
C GLN A 351 14.30 8.84 -3.08
N ASP A 352 13.63 7.77 -3.49
CA ASP A 352 12.97 7.73 -4.80
C ASP A 352 11.86 8.78 -4.93
N PHE A 353 11.07 8.90 -3.85
CA PHE A 353 9.99 9.88 -3.74
C PHE A 353 10.53 11.29 -3.92
N PHE A 354 11.72 11.53 -3.39
CA PHE A 354 12.41 12.82 -3.58
C PHE A 354 13.34 12.80 -4.78
N ASN A 355 13.03 11.90 -5.71
CA ASN A 355 13.72 11.82 -7.00
C ASN A 355 15.25 11.81 -6.87
N GLY A 356 15.74 11.00 -5.94
CA GLY A 356 17.18 10.73 -5.77
C GLY A 356 17.94 11.62 -4.79
N LYS A 357 17.24 12.54 -4.13
CA LYS A 357 17.85 13.45 -3.15
C LYS A 357 18.48 12.67 -2.01
N GLU A 358 19.71 13.04 -1.62
CA GLU A 358 20.41 12.35 -0.53
C GLU A 358 19.71 12.59 0.81
N LEU A 359 19.77 11.58 1.69
CA LEU A 359 19.13 11.64 3.01
C LEU A 359 20.15 11.85 4.11
N ASN A 360 19.78 12.64 5.11
CA ASN A 360 20.59 12.79 6.32
C ASN A 360 20.34 11.59 7.22
N LYS A 361 21.32 10.70 7.30
CA LYS A 361 21.20 9.43 8.03
C LYS A 361 22.52 8.99 8.69
N SER A 362 23.53 9.85 8.68
CA SER A 362 24.83 9.49 9.27
C SER A 362 24.77 9.27 10.79
N ILE A 363 23.85 9.96 11.45
CA ILE A 363 23.60 9.73 12.88
C ILE A 363 22.58 8.61 13.02
N ASN A 364 22.92 7.55 13.77
CA ASN A 364 21.98 6.45 14.00
C ASN A 364 20.58 7.03 14.26
N PRO A 365 19.62 6.74 13.37
CA PRO A 365 18.29 7.40 13.46
C PRO A 365 17.56 7.19 14.80
N ASP A 366 17.71 6.02 15.43
CA ASP A 366 17.15 5.79 16.78
C ASP A 366 17.88 6.57 17.90
N GLU A 367 18.96 7.27 17.53
CA GLU A 367 19.73 8.08 18.50
C GLU A 367 19.68 9.59 18.19
N ALA A 368 19.21 9.95 17.00
CA ALA A 368 19.26 11.35 16.54
C ALA A 368 18.52 12.34 17.46
N VAL A 369 17.38 11.91 18.00
CA VAL A 369 16.62 12.74 18.93
C VAL A 369 17.41 13.00 20.23
N ALA A 370 17.96 11.94 20.84
CA ALA A 370 18.82 12.11 22.01
C ALA A 370 20.04 12.97 21.71
N TYR A 371 20.63 12.75 20.54
CA TYR A 371 21.80 13.52 20.09
C TYR A 371 21.51 15.02 20.13
N GLY A 372 20.42 15.45 19.49
CA GLY A 372 20.01 16.86 19.47
C GLY A 372 19.67 17.39 20.86
N ALA A 373 19.00 16.57 21.66
CA ALA A 373 18.67 16.93 23.04
C ALA A 373 19.95 17.17 23.84
N ALA A 374 20.97 16.33 23.62
CA ALA A 374 22.26 16.49 24.31
C ALA A 374 22.94 17.81 23.95
N VAL A 375 22.90 18.15 22.66
CA VAL A 375 23.47 19.41 22.19
C VAL A 375 22.74 20.58 22.84
N GLN A 376 21.40 20.53 22.83
CA GLN A 376 20.59 21.58 23.45
C GLN A 376 20.89 21.71 24.94
N ALA A 377 21.03 20.57 25.63
CA ALA A 377 21.36 20.55 27.06
C ALA A 377 22.68 21.27 27.34
N ALA A 378 23.70 21.01 26.52
CA ALA A 378 25.01 21.66 26.67
C ALA A 378 24.91 23.17 26.46
N ILE A 379 24.16 23.58 25.44
CA ILE A 379 23.88 24.99 25.20
C ILE A 379 23.24 25.66 26.42
N LEU A 380 22.20 25.02 26.96
CA LEU A 380 21.43 25.61 28.08
C LEU A 380 22.18 25.60 29.43
N SER A 381 23.17 24.71 29.57
CA SER A 381 24.01 24.67 30.78
C SER A 381 25.32 25.47 30.63
N GLY A 382 25.50 26.07 29.46
CA GLY A 382 26.68 26.91 29.19
C GLY A 382 27.95 26.15 28.83
N ASP A 383 27.78 24.90 28.39
CA ASP A 383 28.91 24.03 28.03
C ASP A 383 29.06 23.87 26.52
N LYS A 384 28.54 24.85 25.78
CA LYS A 384 28.71 24.93 24.32
C LYS A 384 28.45 26.36 23.86
N GLY B 4 -14.86 -5.36 -47.89
CA GLY B 4 -15.20 -4.84 -46.54
C GLY B 4 -14.03 -4.15 -45.87
N PRO B 5 -14.31 -3.18 -45.00
CA PRO B 5 -13.25 -2.51 -44.23
C PRO B 5 -12.67 -3.48 -43.23
N ALA B 6 -11.38 -3.35 -42.94
CA ALA B 6 -10.73 -4.12 -41.89
C ALA B 6 -10.79 -3.39 -40.55
N VAL B 7 -11.11 -4.11 -39.49
CA VAL B 7 -11.29 -3.51 -38.16
C VAL B 7 -10.22 -3.97 -37.18
N GLY B 8 -10.09 -3.24 -36.07
CA GLY B 8 -9.21 -3.63 -34.98
C GLY B 8 -10.07 -3.96 -33.79
N ILE B 9 -9.81 -5.11 -33.16
CA ILE B 9 -10.64 -5.55 -32.02
C ILE B 9 -9.80 -5.88 -30.80
N ASP B 10 -10.06 -5.15 -29.74
CA ASP B 10 -9.51 -5.40 -28.42
C ASP B 10 -10.50 -6.33 -27.76
N LEU B 11 -10.12 -7.60 -27.65
CA LEU B 11 -10.94 -8.62 -27.00
C LEU B 11 -10.48 -8.68 -25.54
N GLY B 12 -11.11 -7.87 -24.67
CA GLY B 12 -10.59 -7.68 -23.33
C GLY B 12 -11.12 -8.64 -22.29
N THR B 13 -10.41 -8.75 -21.17
CA THR B 13 -10.84 -9.61 -20.09
C THR B 13 -12.24 -9.20 -19.61
N THR B 14 -12.47 -7.90 -19.47
CA THR B 14 -13.78 -7.45 -18.98
C THR B 14 -14.58 -6.65 -20.02
N TYR B 15 -13.89 -5.89 -20.86
CA TYR B 15 -14.56 -5.10 -21.92
C TYR B 15 -13.86 -5.23 -23.26
N SER B 16 -14.67 -5.24 -24.31
CA SER B 16 -14.15 -5.30 -25.66
C SER B 16 -14.48 -4.02 -26.41
N CYS B 17 -13.72 -3.76 -27.47
CA CYS B 17 -13.76 -2.47 -28.17
C CYS B 17 -13.35 -2.71 -29.62
N VAL B 18 -14.10 -2.09 -30.54
CA VAL B 18 -13.84 -2.22 -31.99
C VAL B 18 -13.65 -0.87 -32.66
N GLY B 19 -12.59 -0.76 -33.46
CA GLY B 19 -12.31 0.47 -34.19
C GLY B 19 -12.11 0.24 -35.69
N VAL B 20 -12.21 1.32 -36.45
CA VAL B 20 -11.96 1.27 -37.89
C VAL B 20 -11.20 2.52 -38.32
N PHE B 21 -10.14 2.30 -39.10
CA PHE B 21 -9.36 3.39 -39.67
C PHE B 21 -10.02 3.75 -40.99
N GLN B 22 -10.48 4.99 -41.10
CA GLN B 22 -11.10 5.45 -42.32
C GLN B 22 -10.73 6.90 -42.56
N HIS B 23 -10.24 7.16 -43.77
CA HIS B 23 -9.87 8.50 -44.23
C HIS B 23 -8.93 9.23 -43.26
N GLY B 24 -7.88 8.53 -42.84
CA GLY B 24 -6.83 9.14 -42.04
C GLY B 24 -7.07 9.23 -40.55
N LYS B 25 -8.18 8.67 -40.06
CA LYS B 25 -8.44 8.65 -38.62
C LYS B 25 -9.19 7.39 -38.16
N VAL B 26 -9.01 7.03 -36.90
CA VAL B 26 -9.70 5.91 -36.31
C VAL B 26 -11.04 6.34 -35.74
N GLU B 27 -12.08 5.61 -36.13
CA GLU B 27 -13.37 5.72 -35.49
C GLU B 27 -13.53 4.52 -34.55
N ILE B 28 -13.68 4.79 -33.26
CA ILE B 28 -14.03 3.75 -32.30
C ILE B 28 -15.56 3.65 -32.36
N ILE B 29 -16.04 2.44 -32.62
CA ILE B 29 -17.45 2.25 -32.98
C ILE B 29 -18.37 2.01 -31.76
N ALA B 30 -19.34 2.90 -31.60
CA ALA B 30 -20.37 2.79 -30.56
C ALA B 30 -21.33 1.64 -30.87
N ASN B 31 -21.76 0.93 -29.83
CA ASN B 31 -22.78 -0.11 -29.97
C ASN B 31 -24.22 0.41 -30.02
N ASP B 32 -25.18 -0.52 -30.01
CA ASP B 32 -26.62 -0.24 -30.06
C ASP B 32 -27.06 0.80 -29.03
N GLN B 33 -26.37 0.80 -27.88
CA GLN B 33 -26.74 1.63 -26.73
C GLN B 33 -25.89 2.91 -26.68
N GLY B 34 -25.00 3.06 -27.67
CA GLY B 34 -24.12 4.23 -27.78
C GLY B 34 -22.83 4.08 -27.00
N ASN B 35 -22.56 2.87 -26.51
CA ASN B 35 -21.37 2.60 -25.72
C ASN B 35 -20.20 2.18 -26.60
N ARG B 36 -19.07 2.85 -26.44
CA ARG B 36 -17.85 2.57 -27.21
C ARG B 36 -17.08 1.34 -26.70
N THR B 37 -17.50 0.79 -25.56
CA THR B 37 -16.98 -0.50 -25.10
C THR B 37 -18.15 -1.46 -24.77
N THR B 38 -17.90 -2.76 -24.86
CA THR B 38 -18.94 -3.77 -24.65
C THR B 38 -18.43 -4.83 -23.67
N PRO B 39 -19.18 -5.10 -22.57
CA PRO B 39 -18.74 -6.12 -21.60
C PRO B 39 -18.48 -7.46 -22.28
N SER B 40 -17.37 -8.11 -21.92
CA SER B 40 -17.04 -9.46 -22.44
C SER B 40 -17.82 -10.53 -21.66
N TYR B 41 -19.16 -10.45 -21.78
CA TYR B 41 -20.10 -11.32 -21.07
C TYR B 41 -20.99 -12.05 -22.07
N VAL B 42 -21.31 -13.31 -21.77
CA VAL B 42 -22.26 -14.09 -22.58
C VAL B 42 -23.22 -14.80 -21.62
N ALA B 43 -24.51 -14.72 -21.90
CA ALA B 43 -25.54 -15.33 -21.05
C ALA B 43 -26.44 -16.26 -21.84
N PHE B 44 -26.75 -17.41 -21.24
CA PHE B 44 -27.64 -18.40 -21.83
C PHE B 44 -28.91 -18.48 -20.99
N THR B 45 -30.05 -18.42 -21.67
CA THR B 45 -31.36 -18.41 -20.99
C THR B 45 -32.26 -19.50 -21.57
N ASP B 46 -33.52 -19.49 -21.16
CA ASP B 46 -34.53 -20.42 -21.67
C ASP B 46 -34.79 -20.25 -23.17
N THR B 47 -34.52 -19.06 -23.69
CA THR B 47 -34.95 -18.74 -25.06
C THR B 47 -33.85 -18.15 -25.95
N GLU B 48 -32.81 -17.60 -25.33
CA GLU B 48 -31.83 -16.85 -26.11
C GLU B 48 -30.41 -16.85 -25.56
N ARG B 49 -29.50 -16.40 -26.41
CA ARG B 49 -28.13 -16.13 -26.05
C ARG B 49 -28.02 -14.60 -25.97
N LEU B 50 -27.49 -14.10 -24.86
CA LEU B 50 -27.30 -12.66 -24.68
C LEU B 50 -25.81 -12.37 -24.67
N ILE B 51 -25.42 -11.25 -25.26
CA ILE B 51 -23.99 -10.87 -25.34
C ILE B 51 -23.85 -9.39 -24.96
N GLY B 52 -22.83 -9.09 -24.16
CA GLY B 52 -22.51 -7.71 -23.82
C GLY B 52 -23.31 -7.18 -22.65
N ASP B 53 -23.81 -5.97 -22.78
CA ASP B 53 -24.57 -5.31 -21.71
C ASP B 53 -25.85 -6.10 -21.34
N ALA B 54 -26.52 -6.66 -22.33
CA ALA B 54 -27.69 -7.52 -22.10
C ALA B 54 -27.38 -8.69 -21.17
N ALA B 55 -26.20 -9.29 -21.34
CA ALA B 55 -25.76 -10.41 -20.49
C ALA B 55 -25.35 -9.95 -19.09
N LYS B 56 -24.54 -8.89 -19.03
CA LYS B 56 -24.11 -8.34 -17.74
C LYS B 56 -25.30 -7.86 -16.89
N ASN B 57 -26.28 -7.25 -17.55
CA ASN B 57 -27.47 -6.70 -16.87
C ASN B 57 -28.34 -7.71 -16.13
N GLN B 58 -28.33 -8.98 -16.56
CA GLN B 58 -29.16 -10.00 -15.90
C GLN B 58 -28.34 -11.02 -15.10
N VAL B 59 -27.09 -10.68 -14.79
CA VAL B 59 -26.19 -11.63 -14.13
C VAL B 59 -26.75 -12.11 -12.77
N ALA B 60 -27.31 -11.19 -11.99
CA ALA B 60 -27.87 -11.54 -10.68
C ALA B 60 -29.11 -12.45 -10.77
N MET B 61 -29.84 -12.34 -11.88
CA MET B 61 -31.03 -13.16 -12.15
C MET B 61 -30.67 -14.58 -12.62
N ASN B 62 -29.49 -14.71 -13.22
CA ASN B 62 -29.12 -15.93 -13.96
C ASN B 62 -27.62 -16.26 -13.82
N PRO B 63 -27.11 -16.30 -12.57
CA PRO B 63 -25.66 -16.31 -12.35
C PRO B 63 -24.91 -17.54 -12.90
N THR B 64 -25.52 -18.72 -12.81
CA THR B 64 -24.85 -19.97 -13.19
C THR B 64 -24.80 -20.17 -14.69
N ASN B 65 -25.59 -19.38 -15.44
CA ASN B 65 -25.60 -19.44 -16.91
C ASN B 65 -25.04 -18.19 -17.60
N THR B 66 -24.41 -17.31 -16.80
CA THR B 66 -23.81 -16.08 -17.31
C THR B 66 -22.30 -16.19 -17.19
N VAL B 67 -21.65 -16.21 -18.35
CA VAL B 67 -20.23 -16.49 -18.45
C VAL B 67 -19.49 -15.18 -18.71
N PHE B 68 -18.36 -15.02 -18.02
CA PHE B 68 -17.41 -13.93 -18.22
C PHE B 68 -16.01 -14.50 -17.92
N ASP B 69 -14.95 -13.69 -18.06
CA ASP B 69 -13.57 -14.14 -17.81
C ASP B 69 -13.10 -15.30 -18.71
N ALA B 70 -13.72 -15.45 -19.87
CA ALA B 70 -13.32 -16.52 -20.81
C ALA B 70 -11.86 -16.38 -21.19
N LYS B 71 -11.37 -15.14 -21.18
CA LYS B 71 -9.96 -14.85 -21.51
C LYS B 71 -8.99 -15.49 -20.50
N ARG B 72 -9.46 -15.72 -19.27
CA ARG B 72 -8.64 -16.40 -18.26
C ARG B 72 -8.48 -17.89 -18.53
N LEU B 73 -9.39 -18.46 -19.32
CA LEU B 73 -9.37 -19.89 -19.67
C LEU B 73 -8.77 -20.17 -21.05
N ILE B 74 -8.83 -19.17 -21.94
CA ILE B 74 -8.48 -19.38 -23.35
C ILE B 74 -7.04 -19.88 -23.57
N GLY B 75 -6.91 -20.94 -24.37
CA GLY B 75 -5.59 -21.54 -24.66
C GLY B 75 -4.98 -22.32 -23.51
N ARG B 76 -5.75 -22.50 -22.42
CA ARG B 76 -5.27 -23.21 -21.24
C ARG B 76 -5.79 -24.64 -21.13
N ARG B 77 -5.12 -25.46 -20.33
CA ARG B 77 -5.61 -26.81 -20.05
C ARG B 77 -6.32 -26.86 -18.70
N PHE B 78 -7.20 -27.85 -18.51
CA PHE B 78 -8.04 -27.92 -17.30
C PHE B 78 -7.21 -28.05 -16.02
N ASP B 79 -6.23 -28.95 -16.08
CA ASP B 79 -5.23 -29.20 -15.03
C ASP B 79 -4.36 -27.98 -14.66
N ASP B 80 -4.34 -26.98 -15.53
CA ASP B 80 -3.56 -25.75 -15.33
C ASP B 80 -3.80 -25.19 -13.93
N ALA B 81 -2.71 -24.86 -13.23
CA ALA B 81 -2.80 -24.29 -11.88
C ALA B 81 -3.71 -23.07 -11.84
N VAL B 82 -3.60 -22.23 -12.87
CA VAL B 82 -4.37 -21.00 -12.97
C VAL B 82 -5.87 -21.25 -13.09
N VAL B 83 -6.25 -22.26 -13.89
CA VAL B 83 -7.65 -22.59 -14.12
C VAL B 83 -8.33 -23.08 -12.84
N GLN B 84 -7.67 -24.01 -12.15
CA GLN B 84 -8.20 -24.60 -10.90
C GLN B 84 -8.39 -23.55 -9.81
N SER B 85 -7.47 -22.61 -9.74
CA SER B 85 -7.54 -21.49 -8.81
C SER B 85 -8.70 -20.53 -9.16
N ASP B 86 -8.75 -20.09 -10.42
CA ASP B 86 -9.78 -19.17 -10.91
C ASP B 86 -11.20 -19.71 -10.78
N MET B 87 -11.40 -21.00 -11.06
CA MET B 87 -12.75 -21.56 -11.10
C MET B 87 -13.46 -21.61 -9.75
N LYS B 88 -12.70 -21.51 -8.66
CA LYS B 88 -13.27 -21.35 -7.31
C LYS B 88 -14.10 -20.07 -7.15
N HIS B 89 -13.75 -19.01 -7.89
CA HIS B 89 -14.50 -17.75 -7.79
C HIS B 89 -15.55 -17.51 -8.87
N TRP B 90 -15.73 -18.45 -9.78
CA TRP B 90 -16.77 -18.32 -10.80
C TRP B 90 -18.05 -19.08 -10.41
N PRO B 91 -19.22 -18.46 -10.62
CA PRO B 91 -20.47 -19.13 -10.27
C PRO B 91 -20.91 -20.17 -11.31
N PHE B 92 -20.29 -20.12 -12.49
CA PHE B 92 -20.55 -21.10 -13.55
C PHE B 92 -19.59 -22.30 -13.45
N MET B 93 -20.04 -23.42 -14.00
CA MET B 93 -19.28 -24.66 -14.01
C MET B 93 -18.20 -24.65 -15.06
N VAL B 94 -17.00 -25.08 -14.68
CA VAL B 94 -15.96 -25.41 -15.64
C VAL B 94 -15.72 -26.93 -15.56
N VAL B 95 -15.81 -27.60 -16.70
CA VAL B 95 -15.65 -29.05 -16.75
C VAL B 95 -14.42 -29.42 -17.58
N ASN B 96 -13.98 -30.67 -17.46
CA ASN B 96 -12.85 -31.19 -18.22
C ASN B 96 -13.31 -32.03 -19.40
N ASP B 97 -12.96 -31.58 -20.61
CA ASP B 97 -13.13 -32.41 -21.81
C ASP B 97 -11.77 -32.82 -22.38
N ALA B 98 -11.36 -34.04 -22.01
CA ALA B 98 -10.09 -34.64 -22.43
C ALA B 98 -8.88 -33.70 -22.30
N GLY B 99 -8.80 -33.00 -21.15
CA GLY B 99 -7.69 -32.08 -20.88
C GLY B 99 -7.99 -30.62 -21.09
N ARG B 100 -9.04 -30.33 -21.88
CA ARG B 100 -9.43 -28.96 -22.22
C ARG B 100 -10.59 -28.49 -21.36
N PRO B 101 -10.52 -27.26 -20.81
CA PRO B 101 -11.63 -26.76 -20.00
C PRO B 101 -12.80 -26.35 -20.88
N LYS B 102 -14.01 -26.64 -20.42
CA LYS B 102 -15.22 -26.14 -21.06
C LYS B 102 -16.11 -25.51 -20.01
N VAL B 103 -16.79 -24.43 -20.37
CA VAL B 103 -17.80 -23.89 -19.46
C VAL B 103 -19.09 -24.69 -19.74
N GLN B 104 -19.75 -25.15 -18.69
CA GLN B 104 -21.00 -25.90 -18.85
C GLN B 104 -22.17 -25.04 -18.35
N VAL B 105 -23.20 -24.92 -19.18
CA VAL B 105 -24.37 -24.09 -18.87
C VAL B 105 -25.67 -24.82 -19.22
N GLU B 106 -26.79 -24.22 -18.80
CA GLU B 106 -28.12 -24.57 -19.29
C GLU B 106 -28.51 -23.53 -20.34
N TYR B 107 -28.98 -24.01 -21.49
CA TYR B 107 -29.31 -23.15 -22.60
C TYR B 107 -30.52 -23.73 -23.32
N LYS B 108 -31.62 -22.98 -23.30
CA LYS B 108 -32.90 -23.41 -23.86
C LYS B 108 -33.35 -24.78 -23.34
N GLY B 109 -33.18 -24.99 -22.04
CA GLY B 109 -33.65 -26.21 -21.38
C GLY B 109 -32.78 -27.44 -21.60
N GLU B 110 -31.56 -27.22 -22.07
CA GLU B 110 -30.60 -28.31 -22.33
C GLU B 110 -29.22 -27.99 -21.78
N THR B 111 -28.53 -29.01 -21.26
CA THR B 111 -27.13 -28.84 -20.85
C THR B 111 -26.22 -28.72 -22.08
N LYS B 112 -25.42 -27.66 -22.11
CA LYS B 112 -24.47 -27.40 -23.18
C LYS B 112 -23.11 -27.01 -22.60
N SER B 113 -22.04 -27.39 -23.28
CA SER B 113 -20.70 -26.96 -22.89
C SER B 113 -20.01 -26.27 -24.06
N PHE B 114 -19.15 -25.30 -23.73
CA PHE B 114 -18.44 -24.49 -24.72
C PHE B 114 -16.98 -24.30 -24.35
N TYR B 115 -16.08 -24.46 -25.33
CA TYR B 115 -14.68 -24.13 -25.10
C TYR B 115 -14.55 -22.61 -24.90
N PRO B 116 -13.48 -22.15 -24.21
CA PRO B 116 -13.27 -20.72 -24.05
C PRO B 116 -13.31 -19.94 -25.39
N GLU B 117 -12.72 -20.52 -26.44
CA GLU B 117 -12.70 -19.85 -27.76
C GLU B 117 -14.11 -19.73 -28.36
N GLU B 118 -15.01 -20.64 -27.99
CA GLU B 118 -16.38 -20.55 -28.46
C GLU B 118 -17.10 -19.39 -27.78
N VAL B 119 -16.90 -19.25 -26.47
CA VAL B 119 -17.45 -18.12 -25.73
C VAL B 119 -16.87 -16.81 -26.27
N SER B 120 -15.56 -16.75 -26.43
CA SER B 120 -14.95 -15.53 -26.94
C SER B 120 -15.42 -15.24 -28.36
N SER B 121 -15.71 -16.31 -29.13
CA SER B 121 -16.24 -16.15 -30.48
C SER B 121 -17.56 -15.40 -30.48
N MET B 122 -18.36 -15.64 -29.46
CA MET B 122 -19.65 -14.99 -29.33
C MET B 122 -19.47 -13.49 -29.06
N VAL B 123 -18.49 -13.16 -28.22
CA VAL B 123 -18.13 -11.76 -28.00
C VAL B 123 -17.64 -11.10 -29.30
N LEU B 124 -16.78 -11.81 -30.04
CA LEU B 124 -16.27 -11.33 -31.33
C LEU B 124 -17.40 -11.14 -32.37
N THR B 125 -18.38 -12.04 -32.37
CA THR B 125 -19.56 -11.90 -33.22
C THR B 125 -20.29 -10.58 -32.95
N LYS B 126 -20.42 -10.24 -31.66
CA LYS B 126 -21.10 -9.01 -31.29
C LYS B 126 -20.30 -7.79 -31.76
N MET B 127 -18.98 -7.85 -31.63
CA MET B 127 -18.10 -6.74 -32.04
C MET B 127 -18.16 -6.59 -33.57
N LYS B 128 -18.20 -7.72 -34.27
CA LYS B 128 -18.38 -7.76 -35.74
C LYS B 128 -19.69 -7.08 -36.15
N GLU B 129 -20.78 -7.47 -35.48
CA GLU B 129 -22.08 -6.88 -35.75
C GLU B 129 -22.16 -5.40 -35.42
N ILE B 130 -21.49 -4.98 -34.35
CA ILE B 130 -21.40 -3.57 -34.02
C ILE B 130 -20.75 -2.78 -35.17
N ALA B 131 -19.61 -3.26 -35.65
CA ALA B 131 -18.93 -2.65 -36.79
C ALA B 131 -19.82 -2.61 -38.06
N GLU B 132 -20.47 -3.73 -38.36
CA GLU B 132 -21.35 -3.82 -39.53
C GLU B 132 -22.56 -2.89 -39.45
N ALA B 133 -23.09 -2.71 -38.24
CA ALA B 133 -24.22 -1.80 -38.01
C ALA B 133 -23.83 -0.36 -38.36
N TYR B 134 -22.62 0.04 -37.96
CA TYR B 134 -22.11 1.39 -38.25
C TYR B 134 -21.67 1.56 -39.71
N LEU B 135 -20.98 0.57 -40.26
CA LEU B 135 -20.36 0.68 -41.57
C LEU B 135 -21.31 0.42 -42.74
N GLY B 136 -22.41 -0.30 -42.48
CA GLY B 136 -23.36 -0.70 -43.51
C GLY B 136 -22.76 -1.67 -44.54
N LYS B 137 -21.70 -2.36 -44.11
CA LYS B 137 -20.98 -3.31 -44.95
C LYS B 137 -20.62 -4.56 -44.14
N THR B 138 -20.44 -5.68 -44.84
CA THR B 138 -19.91 -6.90 -44.22
C THR B 138 -18.46 -6.68 -43.79
N VAL B 139 -18.17 -7.06 -42.54
CA VAL B 139 -16.84 -6.93 -41.96
C VAL B 139 -16.26 -8.34 -41.78
N THR B 140 -15.12 -8.59 -42.41
CA THR B 140 -14.47 -9.89 -42.34
C THR B 140 -13.04 -9.84 -41.78
N ASN B 141 -12.24 -8.90 -42.28
CA ASN B 141 -10.83 -8.80 -41.88
C ASN B 141 -10.68 -8.06 -40.55
N ALA B 142 -9.87 -8.62 -39.65
CA ALA B 142 -9.64 -8.03 -38.33
C ALA B 142 -8.23 -8.25 -37.81
N VAL B 143 -7.72 -7.27 -37.07
CA VAL B 143 -6.55 -7.50 -36.22
C VAL B 143 -7.09 -7.66 -34.80
N VAL B 144 -6.77 -8.78 -34.14
CA VAL B 144 -7.22 -8.98 -32.76
C VAL B 144 -6.02 -8.90 -31.81
N THR B 145 -6.20 -8.30 -30.65
CA THR B 145 -5.10 -8.08 -29.72
C THR B 145 -5.09 -9.08 -28.55
N VAL B 146 -3.90 -9.31 -28.00
CA VAL B 146 -3.69 -10.20 -26.83
C VAL B 146 -2.64 -9.62 -25.88
N PRO B 147 -2.67 -10.01 -24.58
CA PRO B 147 -1.58 -9.56 -23.69
C PRO B 147 -0.23 -10.06 -24.22
N ALA B 148 0.81 -9.26 -23.99
CA ALA B 148 2.16 -9.60 -24.45
C ALA B 148 2.66 -10.93 -23.88
N TYR B 149 2.20 -11.30 -22.69
CA TYR B 149 2.62 -12.52 -22.03
C TYR B 149 1.91 -13.78 -22.55
N PHE B 150 0.90 -13.63 -23.39
CA PHE B 150 0.21 -14.78 -24.01
C PHE B 150 1.18 -15.69 -24.77
N ASN B 151 1.10 -17.00 -24.51
CA ASN B 151 1.90 -17.98 -25.26
C ASN B 151 1.21 -18.36 -26.58
N ASP B 152 1.81 -19.23 -27.38
CA ASP B 152 1.23 -19.58 -28.69
C ASP B 152 -0.13 -20.29 -28.59
N SER B 153 -0.32 -21.14 -27.58
CA SER B 153 -1.60 -21.77 -27.34
C SER B 153 -2.73 -20.73 -27.12
N GLN B 154 -2.44 -19.73 -26.31
CA GLN B 154 -3.38 -18.62 -26.02
C GLN B 154 -3.60 -17.75 -27.26
N ARG B 155 -2.51 -17.42 -27.98
CA ARG B 155 -2.61 -16.71 -29.28
C ARG B 155 -3.45 -17.48 -30.31
N GLN B 156 -3.16 -18.78 -30.47
CA GLN B 156 -3.89 -19.63 -31.40
C GLN B 156 -5.38 -19.73 -31.06
N ALA B 157 -5.69 -19.96 -29.79
CA ALA B 157 -7.10 -20.04 -29.33
C ALA B 157 -7.86 -18.73 -29.56
N THR B 158 -7.16 -17.60 -29.39
CA THR B 158 -7.76 -16.28 -29.66
C THR B 158 -8.05 -16.11 -31.15
N LYS B 159 -7.07 -16.46 -32.01
CA LYS B 159 -7.32 -16.50 -33.45
C LYS B 159 -8.49 -17.43 -33.82
N ASP B 160 -8.55 -18.62 -33.19
CA ASP B 160 -9.63 -19.58 -33.44
C ASP B 160 -11.00 -18.98 -33.06
N ALA B 161 -11.06 -18.23 -31.97
CA ALA B 161 -12.27 -17.47 -31.58
C ALA B 161 -12.71 -16.56 -32.73
N GLY B 162 -11.77 -15.84 -33.32
CA GLY B 162 -12.05 -15.02 -34.52
C GLY B 162 -12.59 -15.84 -35.67
N THR B 163 -11.92 -16.95 -35.98
CA THR B 163 -12.33 -17.84 -37.08
C THR B 163 -13.77 -18.33 -36.91
N ILE B 164 -14.09 -18.76 -35.69
CA ILE B 164 -15.42 -19.28 -35.36
C ILE B 164 -16.50 -18.20 -35.57
N ALA B 165 -16.16 -16.97 -35.24
CA ALA B 165 -17.04 -15.81 -35.46
C ALA B 165 -17.11 -15.34 -36.93
N GLY B 166 -16.41 -16.04 -37.82
CA GLY B 166 -16.39 -15.68 -39.25
C GLY B 166 -15.43 -14.54 -39.61
N LEU B 167 -14.55 -14.19 -38.69
CA LEU B 167 -13.54 -13.17 -38.95
C LEU B 167 -12.28 -13.78 -39.55
N ASN B 168 -11.73 -13.11 -40.55
CA ASN B 168 -10.39 -13.42 -41.02
C ASN B 168 -9.38 -12.62 -40.19
N VAL B 169 -8.67 -13.29 -39.28
CA VAL B 169 -7.74 -12.60 -38.38
C VAL B 169 -6.42 -12.40 -39.14
N LEU B 170 -6.20 -11.17 -39.59
CA LEU B 170 -5.01 -10.80 -40.37
C LEU B 170 -3.73 -11.02 -39.57
N ARG B 171 -3.83 -10.72 -38.28
CA ARG B 171 -2.74 -10.86 -37.32
C ARG B 171 -3.24 -10.72 -35.87
N ILE B 172 -2.56 -11.43 -34.97
CA ILE B 172 -2.73 -11.26 -33.53
C ILE B 172 -1.53 -10.42 -33.09
N ILE B 173 -1.81 -9.25 -32.51
CA ILE B 173 -0.72 -8.39 -32.04
C ILE B 173 -0.85 -8.14 -30.54
N ASN B 174 0.23 -7.72 -29.91
CA ASN B 174 0.24 -7.50 -28.46
C ASN B 174 -0.46 -6.20 -28.10
N GLU B 175 -1.20 -6.23 -27.00
CA GLU B 175 -1.91 -5.06 -26.49
C GLU B 175 -1.02 -3.81 -26.28
N PRO B 176 0.12 -3.93 -25.56
CA PRO B 176 0.95 -2.71 -25.42
C PRO B 176 1.50 -2.15 -26.73
N THR B 177 1.84 -3.03 -27.65
CA THR B 177 2.31 -2.65 -28.98
C THR B 177 1.20 -1.93 -29.75
N ALA B 178 -0.04 -2.44 -29.68
CA ALA B 178 -1.19 -1.74 -30.25
C ALA B 178 -1.31 -0.32 -29.69
N ALA B 179 -1.20 -0.19 -28.36
CA ALA B 179 -1.26 1.14 -27.74
C ALA B 179 -0.17 2.09 -28.25
N ALA B 180 1.03 1.57 -28.41
CA ALA B 180 2.16 2.35 -28.92
C ALA B 180 1.91 2.79 -30.37
N ILE B 181 1.34 1.89 -31.17
CA ILE B 181 0.98 2.19 -32.56
C ILE B 181 -0.06 3.34 -32.64
N ALA B 182 -1.04 3.30 -31.74
CA ALA B 182 -2.11 4.30 -31.67
C ALA B 182 -1.54 5.69 -31.53
N TYR B 183 -0.49 5.81 -30.73
CA TYR B 183 0.16 7.10 -30.49
C TYR B 183 1.25 7.45 -31.52
N GLY B 184 1.44 6.58 -32.52
CA GLY B 184 2.43 6.79 -33.57
C GLY B 184 3.87 6.78 -33.10
N LEU B 185 4.15 6.01 -32.04
CA LEU B 185 5.46 6.04 -31.40
C LEU B 185 6.54 5.40 -32.26
N ASP B 186 6.12 4.53 -33.18
CA ASP B 186 7.02 3.89 -34.14
C ASP B 186 7.32 4.81 -35.32
N LYS B 187 6.54 5.89 -35.45
CA LYS B 187 6.71 6.86 -36.53
C LYS B 187 7.51 8.07 -36.10
N LYS B 188 7.91 8.10 -34.83
CA LYS B 188 8.76 9.17 -34.31
C LYS B 188 10.20 8.92 -34.76
N VAL B 189 10.58 9.56 -35.86
CA VAL B 189 11.91 9.39 -36.43
C VAL B 189 12.96 10.02 -35.51
N GLY B 190 14.02 9.26 -35.25
CA GLY B 190 15.07 9.63 -34.30
C GLY B 190 15.69 8.36 -33.74
N ALA B 191 16.24 8.45 -32.53
CA ALA B 191 16.93 7.30 -31.93
C ALA B 191 15.93 6.30 -31.34
N GLU B 192 16.45 5.13 -30.96
CA GLU B 192 15.68 4.08 -30.29
C GLU B 192 14.86 4.66 -29.14
N ARG B 193 13.58 4.25 -29.07
CA ARG B 193 12.68 4.76 -28.04
C ARG B 193 12.30 3.66 -27.04
N ASN B 194 12.45 3.97 -25.75
CA ASN B 194 11.97 3.13 -24.66
C ASN B 194 10.60 3.63 -24.25
N VAL B 195 9.62 2.73 -24.27
CA VAL B 195 8.22 3.07 -24.02
C VAL B 195 7.69 2.22 -22.88
N LEU B 196 7.09 2.89 -21.90
CA LEU B 196 6.41 2.17 -20.83
C LEU B 196 4.90 2.27 -21.03
N ILE B 197 4.25 1.12 -21.10
CA ILE B 197 2.79 1.04 -21.19
C ILE B 197 2.27 0.67 -19.79
N PHE B 198 1.40 1.52 -19.26
CA PHE B 198 0.81 1.33 -17.93
C PHE B 198 -0.66 1.05 -18.18
N ASP B 199 -1.03 -0.21 -18.02
CA ASP B 199 -2.34 -0.70 -18.45
C ASP B 199 -3.12 -1.29 -17.27
N LEU B 200 -4.05 -0.49 -16.75
CA LEU B 200 -4.88 -0.93 -15.64
C LEU B 200 -6.32 -1.05 -16.12
N GLY B 201 -6.81 -2.28 -16.25
CA GLY B 201 -8.15 -2.53 -16.77
C GLY B 201 -9.18 -2.84 -15.70
N GLY B 202 -10.17 -3.66 -16.07
CA GLY B 202 -11.24 -4.08 -15.14
C GLY B 202 -10.86 -5.26 -14.28
N GLY B 203 -9.92 -6.07 -14.76
CA GLY B 203 -9.51 -7.28 -14.05
C GLY B 203 -8.00 -7.50 -13.92
N THR B 204 -7.22 -6.84 -14.78
CA THR B 204 -5.78 -7.09 -14.85
C THR B 204 -4.99 -5.79 -14.90
N PHE B 205 -3.79 -5.84 -14.32
CA PHE B 205 -2.86 -4.74 -14.37
C PHE B 205 -1.61 -5.22 -15.12
N ASP B 206 -1.28 -4.55 -16.24
CA ASP B 206 -0.12 -4.94 -17.04
C ASP B 206 0.80 -3.76 -17.25
N VAL B 207 2.08 -3.94 -16.91
CA VAL B 207 3.13 -2.95 -17.22
C VAL B 207 4.04 -3.58 -18.26
N SER B 208 4.28 -2.85 -19.35
CA SER B 208 5.13 -3.36 -20.44
C SER B 208 6.17 -2.32 -20.81
N ILE B 209 7.40 -2.76 -21.00
CA ILE B 209 8.44 -1.88 -21.56
C ILE B 209 8.81 -2.36 -22.95
N LEU B 210 8.63 -1.49 -23.93
CA LEU B 210 9.00 -1.78 -25.30
C LEU B 210 10.14 -0.88 -25.73
N THR B 211 10.98 -1.40 -26.61
CA THR B 211 11.91 -0.54 -27.34
C THR B 211 11.48 -0.53 -28.79
N ILE B 212 11.53 0.64 -29.41
CA ILE B 212 11.22 0.77 -30.82
C ILE B 212 12.48 1.28 -31.50
N GLU B 213 13.00 0.48 -32.42
CA GLU B 213 14.16 0.91 -33.19
C GLU B 213 13.92 0.65 -34.67
N ASP B 214 14.06 1.70 -35.48
CA ASP B 214 13.71 1.67 -36.90
C ASP B 214 12.28 1.16 -37.11
N GLY B 215 11.35 1.63 -36.27
CA GLY B 215 9.97 1.20 -36.36
C GLY B 215 9.66 -0.21 -35.90
N ILE B 216 10.69 -0.98 -35.54
CA ILE B 216 10.55 -2.35 -35.07
C ILE B 216 10.36 -2.41 -33.54
N PHE B 217 9.29 -3.07 -33.09
CA PHE B 217 8.98 -3.23 -31.66
C PHE B 217 9.66 -4.46 -31.08
N GLU B 218 10.18 -4.33 -29.86
CA GLU B 218 10.62 -5.47 -29.07
C GLU B 218 10.13 -5.32 -27.64
N VAL B 219 9.51 -6.38 -27.11
CA VAL B 219 9.09 -6.38 -25.70
C VAL B 219 10.29 -6.69 -24.80
N LYS B 220 10.67 -5.71 -23.98
CA LYS B 220 11.87 -5.84 -23.16
C LYS B 220 11.58 -6.45 -21.81
N SER B 221 10.44 -6.09 -21.22
CA SER B 221 10.02 -6.61 -19.94
C SER B 221 8.52 -6.45 -19.75
N THR B 222 7.95 -7.30 -18.90
CA THR B 222 6.56 -7.18 -18.49
C THR B 222 6.43 -7.49 -17.00
N ALA B 223 5.43 -6.88 -16.37
CA ALA B 223 5.12 -7.14 -14.98
C ALA B 223 3.67 -6.75 -14.74
N GLY B 224 3.19 -6.94 -13.52
CA GLY B 224 1.81 -6.60 -13.22
C GLY B 224 1.15 -7.64 -12.33
N ASP B 225 -0.17 -7.62 -12.33
CA ASP B 225 -0.96 -8.45 -11.45
C ASP B 225 -2.20 -8.83 -12.23
N THR B 226 -2.31 -10.11 -12.55
CA THR B 226 -3.45 -10.63 -13.32
C THR B 226 -4.77 -10.58 -12.57
N HIS B 227 -4.73 -10.20 -11.30
CA HIS B 227 -5.93 -10.14 -10.46
C HIS B 227 -6.05 -8.81 -9.72
N LEU B 228 -5.71 -7.72 -10.40
CA LEU B 228 -5.89 -6.38 -9.89
C LEU B 228 -6.48 -5.54 -11.00
N GLY B 229 -7.61 -4.91 -10.72
CA GLY B 229 -8.22 -3.99 -11.69
C GLY B 229 -9.38 -3.22 -11.13
N GLY B 230 -10.16 -2.62 -12.02
CA GLY B 230 -11.32 -1.81 -11.61
C GLY B 230 -12.29 -2.54 -10.70
N GLU B 231 -12.40 -3.87 -10.90
CA GLU B 231 -13.28 -4.72 -10.06
C GLU B 231 -12.91 -4.55 -8.59
N ASP B 232 -11.62 -4.50 -8.29
CA ASP B 232 -11.17 -4.34 -6.90
C ASP B 232 -11.58 -3.00 -6.28
N PHE B 233 -11.55 -1.94 -7.09
CA PHE B 233 -11.96 -0.62 -6.61
C PHE B 233 -13.46 -0.59 -6.39
N ASP B 234 -14.20 -1.25 -7.27
CA ASP B 234 -15.66 -1.42 -7.08
C ASP B 234 -15.93 -2.19 -5.79
N ASN B 235 -15.16 -3.26 -5.55
CA ASN B 235 -15.33 -4.07 -4.33
C ASN B 235 -15.16 -3.22 -3.07
N ARG B 236 -14.13 -2.38 -3.04
CA ARG B 236 -13.87 -1.49 -1.89
C ARG B 236 -15.04 -0.55 -1.62
N MET B 237 -15.62 0.00 -2.69
CA MET B 237 -16.80 0.88 -2.59
C MET B 237 -18.04 0.12 -2.12
N VAL B 238 -18.24 -1.09 -2.63
CA VAL B 238 -19.39 -1.93 -2.25
C VAL B 238 -19.34 -2.22 -0.74
N ASN B 239 -18.17 -2.68 -0.27
CA ASN B 239 -17.94 -2.96 1.15
C ASN B 239 -18.16 -1.73 2.03
N HIS B 240 -17.68 -0.57 1.55
CA HIS B 240 -17.89 0.73 2.21
C HIS B 240 -19.39 1.03 2.40
N PHE B 241 -20.18 0.87 1.34
CA PHE B 241 -21.61 1.19 1.43
C PHE B 241 -22.44 0.12 2.16
N ILE B 242 -22.02 -1.14 2.08
CA ILE B 242 -22.67 -2.21 2.87
C ILE B 242 -22.56 -1.87 4.35
N ALA B 243 -21.36 -1.46 4.77
CA ALA B 243 -21.10 -1.05 6.16
C ALA B 243 -21.92 0.19 6.54
N GLU B 244 -21.95 1.17 5.64
CA GLU B 244 -22.77 2.36 5.83
C GLU B 244 -24.25 2.00 6.02
N PHE B 245 -24.80 1.18 5.14
CA PHE B 245 -26.20 0.75 5.26
C PHE B 245 -26.48 0.03 6.58
N LYS B 246 -25.52 -0.79 7.01
CA LYS B 246 -25.58 -1.51 8.28
C LYS B 246 -25.68 -0.52 9.45
N ARG B 247 -24.78 0.47 9.46
CA ARG B 247 -24.77 1.48 10.53
C ARG B 247 -26.04 2.34 10.56
N LYS B 248 -26.53 2.72 9.38
CA LYS B 248 -27.72 3.58 9.29
C LYS B 248 -29.05 2.85 9.56
N HIS B 249 -29.21 1.65 8.99
CA HIS B 249 -30.49 0.97 9.02
C HIS B 249 -30.51 -0.29 9.88
N LYS B 250 -29.35 -0.68 10.39
CA LYS B 250 -29.23 -1.88 11.25
C LYS B 250 -29.63 -3.14 10.47
N LYS B 251 -29.31 -3.13 9.16
CA LYS B 251 -29.56 -4.27 8.27
C LYS B 251 -28.36 -4.54 7.38
N ASP B 252 -28.11 -5.83 7.13
CA ASP B 252 -27.01 -6.30 6.30
C ASP B 252 -27.61 -6.79 4.99
N ILE B 253 -27.23 -6.14 3.89
CA ILE B 253 -27.80 -6.49 2.58
C ILE B 253 -27.00 -7.58 1.84
N SER B 254 -25.89 -8.01 2.46
CA SER B 254 -24.85 -8.86 1.81
C SER B 254 -25.35 -10.15 1.14
N GLU B 255 -26.39 -10.77 1.70
CA GLU B 255 -26.90 -12.06 1.21
C GLU B 255 -28.04 -11.93 0.20
N ASN B 256 -28.40 -10.69 -0.13
CA ASN B 256 -29.35 -10.45 -1.20
C ASN B 256 -28.53 -10.10 -2.45
N LYS B 257 -28.38 -11.09 -3.33
CA LYS B 257 -27.52 -10.96 -4.52
C LYS B 257 -27.96 -9.82 -5.43
N ARG B 258 -29.28 -9.70 -5.61
CA ARG B 258 -29.83 -8.63 -6.43
C ARG B 258 -29.50 -7.26 -5.85
N ALA B 259 -29.70 -7.10 -4.54
CA ALA B 259 -29.40 -5.84 -3.85
C ALA B 259 -27.93 -5.49 -3.97
N VAL B 260 -27.06 -6.47 -3.73
CA VAL B 260 -25.62 -6.25 -3.88
C VAL B 260 -25.24 -5.86 -5.31
N ARG B 261 -25.86 -6.52 -6.29
CA ARG B 261 -25.59 -6.21 -7.69
C ARG B 261 -26.03 -4.79 -8.04
N ARG B 262 -27.20 -4.37 -7.56
CA ARG B 262 -27.66 -3.00 -7.82
C ARG B 262 -26.73 -1.95 -7.20
N LEU B 263 -26.27 -2.23 -5.99
CA LEU B 263 -25.29 -1.38 -5.34
C LEU B 263 -23.96 -1.34 -6.11
N ARG B 264 -23.52 -2.51 -6.57
CA ARG B 264 -22.29 -2.64 -7.35
C ARG B 264 -22.36 -1.83 -8.66
N THR B 265 -23.48 -1.95 -9.36
CA THR B 265 -23.74 -1.14 -10.56
C THR B 265 -23.62 0.36 -10.26
N ALA B 266 -24.27 0.79 -9.16
CA ALA B 266 -24.19 2.19 -8.71
C ALA B 266 -22.76 2.63 -8.38
N CYS B 267 -22.01 1.74 -7.72
CA CYS B 267 -20.61 2.02 -7.35
C CYS B 267 -19.70 2.17 -8.57
N GLU B 268 -19.81 1.25 -9.53
CA GLU B 268 -19.02 1.36 -10.76
C GLU B 268 -19.29 2.69 -11.51
N ARG B 269 -20.57 3.05 -11.61
CA ARG B 269 -20.98 4.28 -12.24
C ARG B 269 -20.42 5.53 -11.52
N ALA B 270 -20.54 5.54 -10.19
CA ALA B 270 -20.00 6.61 -9.34
C ALA B 270 -18.48 6.75 -9.49
N LYS B 271 -17.80 5.61 -9.44
CA LYS B 271 -16.36 5.56 -9.73
C LYS B 271 -15.99 6.28 -11.03
N ARG B 272 -16.70 5.97 -12.11
CA ARG B 272 -16.41 6.59 -13.41
C ARG B 272 -16.61 8.10 -13.31
N THR B 273 -17.69 8.50 -12.62
CA THR B 273 -18.02 9.92 -12.47
C THR B 273 -16.93 10.68 -11.69
N LEU B 274 -16.39 10.02 -10.66
CA LEU B 274 -15.33 10.58 -9.84
C LEU B 274 -14.02 10.82 -10.61
N SER B 275 -13.91 10.26 -11.82
CA SER B 275 -12.73 10.55 -12.68
C SER B 275 -12.81 11.95 -13.29
N SER B 276 -14.01 12.51 -13.37
CA SER B 276 -14.19 13.85 -13.94
C SER B 276 -14.83 14.86 -12.97
N SER B 277 -15.31 14.37 -11.83
CA SER B 277 -15.96 15.19 -10.81
C SER B 277 -15.39 14.87 -9.42
N THR B 278 -15.51 15.81 -8.49
CA THR B 278 -14.97 15.62 -7.14
C THR B 278 -15.95 14.92 -6.20
N GLN B 279 -17.15 14.63 -6.71
CA GLN B 279 -18.15 13.90 -5.94
C GLN B 279 -19.13 13.20 -6.87
N ALA B 280 -19.86 12.22 -6.33
CA ALA B 280 -20.79 11.42 -7.11
C ALA B 280 -21.95 10.96 -6.25
N SER B 281 -23.14 10.90 -6.85
CA SER B 281 -24.35 10.46 -6.15
C SER B 281 -24.59 8.96 -6.35
N ILE B 282 -25.15 8.33 -5.33
CA ILE B 282 -25.66 6.97 -5.39
C ILE B 282 -27.16 7.11 -5.15
N GLU B 283 -27.96 6.56 -6.06
CA GLU B 283 -29.41 6.69 -6.03
C GLU B 283 -30.05 5.35 -6.39
N ILE B 284 -30.54 4.64 -5.38
CA ILE B 284 -31.17 3.34 -5.55
C ILE B 284 -32.51 3.31 -4.82
N ASP B 285 -33.59 3.14 -5.57
CA ASP B 285 -34.91 2.99 -5.00
C ASP B 285 -35.05 1.57 -4.46
N SER B 286 -35.55 1.45 -3.23
CA SER B 286 -35.86 0.16 -2.65
C SER B 286 -34.67 -0.82 -2.77
N LEU B 287 -33.52 -0.40 -2.23
CA LEU B 287 -32.32 -1.25 -2.21
C LEU B 287 -32.56 -2.53 -1.40
N TYR B 288 -33.19 -2.40 -0.25
CA TYR B 288 -33.34 -3.55 0.64
C TYR B 288 -34.54 -3.37 1.53
N GLU B 289 -35.43 -4.36 1.48
CA GLU B 289 -36.64 -4.36 2.29
C GLU B 289 -37.38 -3.01 2.21
N GLY B 290 -37.48 -2.48 0.99
CA GLY B 290 -38.23 -1.24 0.72
C GLY B 290 -37.50 0.05 1.09
N ILE B 291 -36.25 -0.08 1.52
CA ILE B 291 -35.49 1.09 1.94
C ILE B 291 -34.71 1.66 0.75
N ASP B 292 -34.95 2.94 0.46
CA ASP B 292 -34.18 3.67 -0.54
C ASP B 292 -32.76 3.96 -0.04
N PHE B 293 -31.80 3.98 -0.96
CA PHE B 293 -30.44 4.33 -0.62
C PHE B 293 -29.95 5.47 -1.50
N TYR B 294 -30.07 6.68 -0.97
CA TYR B 294 -29.64 7.88 -1.67
C TYR B 294 -28.54 8.51 -0.85
N THR B 295 -27.35 8.56 -1.42
CA THR B 295 -26.19 9.10 -0.70
C THR B 295 -25.18 9.63 -1.70
N SER B 296 -23.97 9.91 -1.23
CA SER B 296 -22.90 10.37 -2.09
C SER B 296 -21.57 9.84 -1.59
N ILE B 297 -20.54 10.07 -2.40
CA ILE B 297 -19.17 9.81 -2.04
C ILE B 297 -18.29 10.86 -2.74
N THR B 298 -17.30 11.35 -2.01
CA THR B 298 -16.32 12.30 -2.53
C THR B 298 -15.16 11.57 -3.20
N ARG B 299 -14.47 12.27 -4.08
CA ARG B 299 -13.30 11.70 -4.73
C ARG B 299 -12.24 11.33 -3.67
N ALA B 300 -12.04 12.19 -2.67
CA ALA B 300 -11.09 11.91 -1.58
C ALA B 300 -11.41 10.60 -0.84
N ARG B 301 -12.69 10.35 -0.54
CA ARG B 301 -13.10 9.10 0.12
C ARG B 301 -12.83 7.87 -0.77
N PHE B 302 -13.14 7.98 -2.05
CA PHE B 302 -12.85 6.94 -3.05
C PHE B 302 -11.34 6.63 -3.07
N GLU B 303 -10.53 7.69 -3.11
CA GLU B 303 -9.08 7.55 -3.11
C GLU B 303 -8.58 6.85 -1.83
N GLU B 304 -9.13 7.28 -0.69
CA GLU B 304 -8.82 6.72 0.64
C GLU B 304 -9.15 5.23 0.74
N LEU B 305 -10.32 4.85 0.23
CA LEU B 305 -10.77 3.45 0.29
C LEU B 305 -9.83 2.51 -0.48
N ASN B 306 -9.09 3.09 -1.42
CA ASN B 306 -8.25 2.36 -2.37
C ASN B 306 -6.77 2.74 -2.31
N ALA B 307 -6.35 3.47 -1.27
CA ALA B 307 -5.02 4.08 -1.25
C ALA B 307 -3.90 3.07 -1.44
N ASP B 308 -4.01 1.94 -0.74
CA ASP B 308 -3.02 0.87 -0.84
C ASP B 308 -2.96 0.26 -2.25
N LEU B 309 -4.12 0.02 -2.86
CA LEU B 309 -4.16 -0.60 -4.19
C LEU B 309 -3.61 0.31 -5.27
N PHE B 310 -3.91 1.61 -5.18
CA PHE B 310 -3.40 2.60 -6.13
C PHE B 310 -1.87 2.74 -6.05
N ARG B 311 -1.35 2.97 -4.84
CA ARG B 311 0.10 3.18 -4.67
C ARG B 311 0.88 1.91 -5.02
N GLY B 312 0.26 0.76 -4.76
CA GLY B 312 0.84 -0.54 -5.09
C GLY B 312 1.14 -0.78 -6.56
N THR B 313 0.45 -0.07 -7.46
CA THR B 313 0.68 -0.22 -8.91
C THR B 313 2.09 0.21 -9.32
N LEU B 314 2.74 1.03 -8.51
CA LEU B 314 4.10 1.49 -8.82
C LEU B 314 5.15 0.39 -8.63
N ASP B 315 4.83 -0.61 -7.82
CA ASP B 315 5.74 -1.72 -7.61
C ASP B 315 6.07 -2.48 -8.93
N PRO B 316 5.05 -2.95 -9.68
CA PRO B 316 5.33 -3.55 -11.00
C PRO B 316 6.00 -2.63 -12.02
N VAL B 317 5.79 -1.32 -11.90
CA VAL B 317 6.57 -0.38 -12.73
C VAL B 317 8.07 -0.53 -12.40
N GLU B 318 8.41 -0.49 -11.12
CA GLU B 318 9.81 -0.62 -10.69
C GLU B 318 10.41 -1.95 -11.14
N LYS B 319 9.64 -3.03 -10.97
CA LYS B 319 10.08 -4.36 -11.40
C LYS B 319 10.35 -4.41 -12.92
N ALA B 320 9.40 -3.91 -13.71
CA ALA B 320 9.58 -3.85 -15.18
C ALA B 320 10.83 -3.06 -15.60
N LEU B 321 11.08 -1.94 -14.93
CA LEU B 321 12.28 -1.13 -15.19
C LEU B 321 13.57 -1.87 -14.87
N ARG B 322 13.57 -2.59 -13.75
CA ARG B 322 14.73 -3.38 -13.33
C ARG B 322 15.01 -4.50 -14.32
N ASP B 323 13.95 -5.19 -14.74
CA ASP B 323 14.07 -6.29 -15.70
C ASP B 323 14.47 -5.80 -17.09
N ALA B 324 14.02 -4.61 -17.47
CA ALA B 324 14.46 -3.99 -18.73
C ALA B 324 15.88 -3.41 -18.61
N LYS B 325 16.41 -3.35 -17.38
CA LYS B 325 17.71 -2.73 -17.07
C LYS B 325 17.72 -1.24 -17.48
N LEU B 326 16.65 -0.54 -17.13
CA LEU B 326 16.54 0.88 -17.43
C LEU B 326 16.26 1.68 -16.17
N ASP B 327 16.86 2.86 -16.08
CA ASP B 327 16.48 3.85 -15.09
C ASP B 327 15.18 4.51 -15.56
N LYS B 328 14.37 5.00 -14.62
CA LYS B 328 13.14 5.66 -14.99
C LYS B 328 13.34 6.85 -15.94
N SER B 329 14.50 7.51 -15.82
CA SER B 329 14.86 8.65 -16.66
C SER B 329 15.11 8.27 -18.13
N GLN B 330 15.22 6.97 -18.39
CA GLN B 330 15.49 6.46 -19.74
C GLN B 330 14.22 6.11 -20.53
N ILE B 331 13.06 6.37 -19.92
CA ILE B 331 11.78 6.12 -20.59
C ILE B 331 11.42 7.36 -21.40
N HIS B 332 11.24 7.17 -22.72
CA HIS B 332 10.93 8.27 -23.63
C HIS B 332 9.44 8.63 -23.66
N ASP B 333 8.59 7.60 -23.64
CA ASP B 333 7.14 7.75 -23.71
C ASP B 333 6.47 6.89 -22.64
N ILE B 334 5.53 7.48 -21.92
CA ILE B 334 4.66 6.74 -21.00
C ILE B 334 3.24 6.79 -21.56
N VAL B 335 2.60 5.64 -21.66
CA VAL B 335 1.28 5.53 -22.29
C VAL B 335 0.27 4.94 -21.30
N LEU B 336 -0.84 5.65 -21.10
CA LEU B 336 -1.92 5.13 -20.26
C LEU B 336 -2.89 4.28 -21.08
N VAL B 337 -3.13 3.06 -20.60
CA VAL B 337 -4.08 2.15 -21.25
C VAL B 337 -5.03 1.57 -20.19
N GLY B 338 -6.25 1.25 -20.59
CA GLY B 338 -7.19 0.62 -19.68
C GLY B 338 -8.02 1.66 -18.98
N GLY B 339 -9.31 1.36 -18.84
CA GLY B 339 -10.28 2.32 -18.27
C GLY B 339 -9.93 2.84 -16.88
N SER B 340 -9.27 2.02 -16.06
CA SER B 340 -8.90 2.45 -14.71
C SER B 340 -7.83 3.55 -14.67
N THR B 341 -7.07 3.69 -15.75
CA THR B 341 -6.08 4.79 -15.80
C THR B 341 -6.71 6.16 -16.03
N ARG B 342 -8.03 6.20 -16.18
CA ARG B 342 -8.75 7.47 -16.17
C ARG B 342 -8.83 8.07 -14.75
N ILE B 343 -8.56 7.25 -13.74
CA ILE B 343 -8.62 7.72 -12.34
C ILE B 343 -7.51 8.76 -12.07
N PRO B 344 -7.87 10.03 -11.78
CA PRO B 344 -6.89 11.10 -11.53
C PRO B 344 -5.76 10.76 -10.55
N LYS B 345 -6.08 10.06 -9.46
CA LYS B 345 -5.04 9.69 -8.47
C LYS B 345 -4.00 8.76 -9.08
N ILE B 346 -4.43 7.81 -9.91
CA ILE B 346 -3.53 6.89 -10.62
C ILE B 346 -2.57 7.66 -11.56
N GLN B 347 -3.13 8.62 -12.30
CA GLN B 347 -2.35 9.48 -13.19
C GLN B 347 -1.31 10.30 -12.42
N LYS B 348 -1.74 10.89 -11.29
CA LYS B 348 -0.88 11.65 -10.39
C LYS B 348 0.28 10.81 -9.88
N LEU B 349 -0.04 9.61 -9.37
CA LEU B 349 0.97 8.68 -8.82
C LEU B 349 2.05 8.36 -9.88
N LEU B 350 1.60 7.99 -11.08
CA LEU B 350 2.51 7.63 -12.17
C LEU B 350 3.34 8.82 -12.66
N GLN B 351 2.71 9.98 -12.83
CA GLN B 351 3.44 11.17 -13.26
C GLN B 351 4.47 11.59 -12.19
N ASP B 352 4.06 11.55 -10.92
CA ASP B 352 4.96 11.80 -9.78
C ASP B 352 6.14 10.82 -9.75
N PHE B 353 5.87 9.54 -10.00
CA PHE B 353 6.90 8.50 -10.06
C PHE B 353 7.95 8.85 -11.11
N PHE B 354 7.49 9.46 -12.21
CA PHE B 354 8.37 9.88 -13.29
C PHE B 354 8.78 11.34 -13.21
N ASN B 355 8.83 11.88 -11.99
CA ASN B 355 9.35 13.22 -11.74
C ASN B 355 8.68 14.31 -12.60
N GLY B 356 7.36 14.17 -12.77
CA GLY B 356 6.55 15.17 -13.48
C GLY B 356 6.42 15.03 -14.99
N LYS B 357 7.02 13.99 -15.55
CA LYS B 357 7.00 13.79 -17.01
C LYS B 357 5.55 13.66 -17.50
N GLU B 358 5.24 14.31 -18.63
CA GLU B 358 3.87 14.25 -19.19
C GLU B 358 3.52 12.84 -19.71
N LEU B 359 2.25 12.47 -19.55
CA LEU B 359 1.76 11.13 -19.94
C LEU B 359 0.97 11.19 -21.23
N ASN B 360 1.08 10.13 -22.05
CA ASN B 360 0.26 10.03 -23.23
C ASN B 360 -1.10 9.49 -22.81
N LYS B 361 -2.11 10.35 -22.88
CA LYS B 361 -3.47 9.97 -22.45
C LYS B 361 -4.58 10.61 -23.28
N SER B 362 -4.23 11.28 -24.38
CA SER B 362 -5.22 11.95 -25.23
C SER B 362 -6.21 11.00 -25.93
N ILE B 363 -5.79 9.75 -26.13
CA ILE B 363 -6.67 8.70 -26.62
C ILE B 363 -7.32 8.02 -25.41
N ASN B 364 -8.64 7.98 -25.36
CA ASN B 364 -9.36 7.28 -24.28
C ASN B 364 -8.66 5.95 -23.97
N PRO B 365 -8.13 5.79 -22.74
CA PRO B 365 -7.28 4.63 -22.44
C PRO B 365 -7.98 3.27 -22.63
N ASP B 366 -9.29 3.21 -22.40
CA ASP B 366 -10.05 1.96 -22.66
C ASP B 366 -10.26 1.69 -24.16
N GLU B 367 -9.84 2.64 -24.98
CA GLU B 367 -9.99 2.57 -26.45
C GLU B 367 -8.66 2.46 -27.19
N ALA B 368 -7.56 2.70 -26.48
CA ALA B 368 -6.24 2.80 -27.09
C ALA B 368 -5.78 1.51 -27.80
N VAL B 369 -6.06 0.36 -27.19
CA VAL B 369 -5.70 -0.94 -27.79
C VAL B 369 -6.44 -1.14 -29.11
N ALA B 370 -7.78 -0.99 -29.10
CA ALA B 370 -8.58 -1.13 -30.32
C ALA B 370 -8.14 -0.10 -31.39
N TYR B 371 -7.82 1.11 -30.93
CA TYR B 371 -7.29 2.18 -31.80
C TYR B 371 -6.05 1.72 -32.60
N GLY B 372 -5.00 1.28 -31.89
CA GLY B 372 -3.81 0.69 -32.53
C GLY B 372 -4.07 -0.50 -33.43
N ALA B 373 -4.92 -1.41 -32.97
CA ALA B 373 -5.34 -2.56 -33.77
C ALA B 373 -6.02 -2.13 -35.08
N ALA B 374 -6.85 -1.07 -35.02
CA ALA B 374 -7.52 -0.53 -36.21
C ALA B 374 -6.52 0.02 -37.21
N VAL B 375 -5.52 0.75 -36.70
CA VAL B 375 -4.43 1.28 -37.54
C VAL B 375 -3.68 0.11 -38.22
N GLN B 376 -3.33 -0.90 -37.44
CA GLN B 376 -2.60 -2.06 -37.93
C GLN B 376 -3.41 -2.83 -39.00
N ALA B 377 -4.72 -2.99 -38.75
CA ALA B 377 -5.61 -3.68 -39.69
C ALA B 377 -5.61 -2.96 -41.04
N ALA B 378 -5.67 -1.63 -40.99
CA ALA B 378 -5.61 -0.77 -42.18
C ALA B 378 -4.32 -0.99 -42.98
N ILE B 379 -3.18 -0.99 -42.29
CA ILE B 379 -1.88 -1.25 -42.93
C ILE B 379 -1.86 -2.63 -43.60
N LEU B 380 -2.28 -3.64 -42.86
CA LEU B 380 -2.29 -5.03 -43.32
C LEU B 380 -3.23 -5.32 -44.48
N SER B 381 -4.29 -4.52 -44.61
CA SER B 381 -5.24 -4.64 -45.73
C SER B 381 -4.91 -3.69 -46.89
N GLY B 382 -3.78 -3.00 -46.80
CA GLY B 382 -3.33 -2.04 -47.81
C GLY B 382 -4.19 -0.80 -47.90
N ASP B 383 -4.74 -0.38 -46.76
CA ASP B 383 -5.61 0.80 -46.70
C ASP B 383 -4.98 1.98 -45.92
N LYS B 384 -3.69 1.84 -45.63
CA LYS B 384 -2.88 2.92 -45.04
C LYS B 384 -1.43 2.73 -45.46
MG MG C . 11.17 8.09 18.47
NA NA D . 13.25 6.69 20.92
NA NA E . 8.07 8.34 15.95
V VO4 F . 8.06 8.49 19.55
O1 VO4 F . 9.37 8.30 18.22
O2 VO4 F . 8.74 8.32 21.28
O3 VO4 F . 6.62 7.29 19.37
O4 VO4 F . 7.33 10.23 19.47
PB ADP G . 10.79 4.91 19.53
O1B ADP G . 10.36 4.68 20.96
O2B ADP G . 9.86 4.34 18.52
O3B ADP G . 11.18 6.34 19.30
PA ADP G . 13.23 3.87 18.24
O1A ADP G . 13.32 5.16 17.46
O2A ADP G . 14.47 3.32 18.88
O3A ADP G . 12.18 4.05 19.47
O5' ADP G . 12.55 2.77 17.27
C5' ADP G . 12.31 1.44 17.76
C4' ADP G . 12.01 0.56 16.55
O4' ADP G . 13.14 0.55 15.67
C3' ADP G . 11.76 -0.88 16.96
O3' ADP G . 10.63 -1.35 16.22
C2' ADP G . 13.02 -1.62 16.54
O2' ADP G . 12.81 -3.01 16.24
C1' ADP G . 13.39 -0.80 15.32
N9 ADP G . 14.80 -0.95 14.91
C8 ADP G . 15.91 -0.70 15.65
N7 ADP G . 17.02 -0.97 14.90
C5 ADP G . 16.60 -1.38 13.69
C6 ADP G . 17.22 -1.81 12.42
N6 ADP G . 18.58 -1.89 12.31
N1 ADP G . 16.42 -2.15 11.39
C2 ADP G . 15.07 -2.11 11.47
N3 ADP G . 14.43 -1.74 12.59
C4 ADP G . 15.13 -1.36 13.70
MG MG H . -7.36 -4.14 -21.60
NA NA I . -10.48 -3.74 -23.17
NA NA J . -4.90 -4.94 -18.60
V VO4 K . -6.85 -7.22 -20.61
O1 VO4 K . -6.64 -5.37 -20.38
O2 VO4 K . -8.17 -7.67 -21.86
O3 VO4 K . -7.19 -8.06 -18.98
O4 VO4 K . -5.24 -7.98 -21.27
PB ADP L . -10.40 -4.50 -19.95
O1B ADP L . -11.23 -5.66 -20.42
O2B ADP L . -10.05 -4.58 -18.51
O3B ADP L . -9.25 -4.21 -20.86
PA ADP L . -11.12 -1.65 -20.00
O1A ADP L . -9.69 -1.29 -20.36
O2A ADP L . -12.26 -0.97 -20.65
O3A ADP L . -11.42 -3.24 -20.17
O5' ADP L . -11.22 -1.39 -18.42
C5' ADP L . -12.48 -1.56 -17.75
C4' ADP L . -12.37 -0.96 -16.36
O4' ADP L . -12.20 0.46 -16.50
C3' ADP L . -13.62 -1.19 -15.52
O3' ADP L . -13.23 -1.59 -14.19
C2' ADP L . -14.32 0.15 -15.54
O2' ADP L . -15.19 0.35 -14.41
C1' ADP L . -13.12 1.09 -15.62
N9 ADP L . -13.46 2.44 -16.12
C8 ADP L . -14.03 2.78 -17.29
N7 ADP L . -14.18 4.13 -17.36
C5 ADP L . -13.68 4.66 -16.22
C6 ADP L . -13.53 5.99 -15.61
N6 ADP L . -13.94 7.12 -16.26
N1 ADP L . -12.95 6.07 -14.40
C2 ADP L . -12.53 4.99 -13.70
N3 ADP L . -12.66 3.74 -14.18
C4 ADP L . -13.21 3.52 -15.41
C1 GOL M . 4.44 8.61 -6.26
O1 GOL M . 4.16 9.13 -4.97
C2 GOL M . 5.95 8.48 -6.46
O2 GOL M . 6.56 9.76 -6.44
C3 GOL M . 6.56 7.58 -5.39
O3 GOL M . 7.93 7.37 -5.63
#